data_1NIU
#
_entry.id   1NIU
#
_cell.length_a   99.157
_cell.length_b   90.243
_cell.length_c   85.261
_cell.angle_alpha   90.00
_cell.angle_beta   90.00
_cell.angle_gamma   90.00
#
_symmetry.space_group_name_H-M   'P 21 21 21'
#
loop_
_entity.id
_entity.type
_entity.pdbx_description
1 polymer 'Alanine Racemase'
2 non-polymer D-[3-HYDROXY-2-METHYL-5-PHOSPHONOOXYMETHYL-PYRIDIN-4-YLMETHYL]-N,O-CYCLOSERYLAMIDE
3 water water
#
_entity_poly.entity_id   1
_entity_poly.type   'polypeptide(L)'
_entity_poly.pdbx_seq_one_letter_code
;MNDFHRDTWAEVDLDAIYDNVENLRRLLPDDTHIMAVVKANAYGHGDVQVARTALEAGASRLAVAFLDEALALREKGIEA
PILVLGASRPADAALAAQQRIALTVFRSDWLEEASALYSGPFPIHFHL(KCX)MDTGMGRLGVKDEEETKRIVALIERHP
HFVLEGLYTHFATADEVNTDYFSYQYTRFLHMLEWLPSRPPLVHCANSAASLRFPDRTFNMVRFGIAMYGLAPSPGIKPL
LPYPLKEAFSLHSRLVHVKKLQPGEKVSYGATYTAQTEEWIGTIPIGYADGWLRRLQHFHVLVDGQKAPIVGRICMDQCM
IRLPGPLPVGTKVTLIGRQGDEVISIDDVARHLETINYEVPCTISYRVPRIFFRHKRIMEVRNAIGRGESSA
;
_entity_poly.pdbx_strand_id   A,B
#
# COMPACT_ATOMS: atom_id res chain seq x y z
N ASN A 2 -7.92 -19.23 -7.41
CA ASN A 2 -6.84 -18.24 -7.63
C ASN A 2 -5.53 -18.78 -7.06
N ASP A 3 -4.40 -18.31 -7.57
CA ASP A 3 -3.10 -18.81 -7.13
C ASP A 3 -2.02 -17.75 -6.88
N PHE A 4 -0.97 -18.12 -6.16
CA PHE A 4 0.14 -17.20 -5.91
C PHE A 4 1.49 -17.91 -5.88
N HIS A 5 2.53 -17.21 -6.36
CA HIS A 5 3.84 -17.83 -6.44
C HIS A 5 5.01 -17.30 -5.62
N ARG A 6 4.72 -16.72 -4.45
CA ARG A 6 5.76 -16.24 -3.52
C ARG A 6 5.27 -16.74 -2.17
N ASP A 7 6.17 -17.16 -1.29
CA ASP A 7 5.74 -17.65 0.00
C ASP A 7 5.56 -16.56 1.04
N THR A 8 4.62 -15.67 0.78
CA THR A 8 4.29 -14.59 1.68
C THR A 8 2.82 -14.42 1.44
N TRP A 9 2.04 -14.45 2.50
CA TRP A 9 0.60 -14.33 2.37
C TRP A 9 -0.01 -13.84 3.68
N ALA A 10 -1.23 -13.33 3.58
CA ALA A 10 -1.96 -12.84 4.73
C ALA A 10 -3.14 -13.78 4.79
N GLU A 11 -3.60 -14.08 6.00
CA GLU A 11 -4.76 -14.94 6.18
C GLU A 11 -5.82 -14.07 6.85
N VAL A 12 -7.06 -14.25 6.43
CA VAL A 12 -8.16 -13.48 7.00
C VAL A 12 -9.14 -14.53 7.51
N ASP A 13 -9.36 -14.54 8.82
CA ASP A 13 -10.29 -15.50 9.42
C ASP A 13 -11.69 -14.92 9.38
N LEU A 14 -12.51 -15.39 8.45
CA LEU A 14 -13.87 -14.89 8.31
C LEU A 14 -14.81 -15.37 9.42
N ASP A 15 -14.43 -16.39 10.18
CA ASP A 15 -15.28 -16.86 11.29
C ASP A 15 -15.23 -15.79 12.37
N ALA A 16 -14.04 -15.20 12.53
CA ALA A 16 -13.85 -14.16 13.53
C ALA A 16 -14.73 -12.97 13.20
N ILE A 17 -14.79 -12.63 11.92
CA ILE A 17 -15.60 -11.51 11.46
C ILE A 17 -17.07 -11.79 11.68
N TYR A 18 -17.49 -13.04 11.48
CA TYR A 18 -18.88 -13.40 11.71
C TYR A 18 -19.19 -13.17 13.19
N ASP A 19 -18.33 -13.69 14.06
CA ASP A 19 -18.51 -13.56 15.51
C ASP A 19 -18.57 -12.11 15.99
N ASN A 20 -17.63 -11.29 15.55
CA ASN A 20 -17.61 -9.90 15.97
C ASN A 20 -18.90 -9.15 15.59
N VAL A 21 -19.44 -9.44 14.40
CA VAL A 21 -20.67 -8.77 13.94
C VAL A 21 -21.93 -9.33 14.60
N GLU A 22 -21.98 -10.64 14.76
CA GLU A 22 -23.13 -11.30 15.38
C GLU A 22 -23.27 -10.88 16.85
N ASN A 23 -22.15 -10.73 17.55
CA ASN A 23 -22.20 -10.31 18.95
C ASN A 23 -22.78 -8.91 19.07
N LEU A 24 -22.60 -8.09 18.03
CA LEU A 24 -23.11 -6.74 18.04
C LEU A 24 -24.61 -6.78 17.80
N ARG A 25 -25.04 -7.68 16.92
CA ARG A 25 -26.45 -7.87 16.57
C ARG A 25 -27.18 -8.29 17.86
N ARG A 26 -26.48 -9.02 18.72
CA ARG A 26 -27.05 -9.45 20.00
C ARG A 26 -27.20 -8.25 20.93
N LEU A 27 -26.10 -7.51 21.06
CA LEU A 27 -25.99 -6.33 21.92
C LEU A 27 -26.95 -5.15 21.65
N LEU A 28 -27.13 -4.79 20.38
CA LEU A 28 -28.01 -3.68 20.01
C LEU A 28 -29.48 -4.05 20.00
N PRO A 29 -30.37 -3.05 20.12
CA PRO A 29 -31.82 -3.32 20.11
C PRO A 29 -32.15 -3.81 18.70
N ASP A 30 -33.12 -4.71 18.58
CA ASP A 30 -33.50 -5.28 17.28
C ASP A 30 -33.90 -4.25 16.22
N ASP A 31 -34.43 -3.11 16.66
CA ASP A 31 -34.87 -2.06 15.74
C ASP A 31 -33.71 -1.22 15.19
N THR A 32 -32.52 -1.45 15.71
CA THR A 32 -31.35 -0.71 15.27
C THR A 32 -30.54 -1.56 14.26
N HIS A 33 -30.42 -1.08 13.02
CA HIS A 33 -29.69 -1.79 11.96
C HIS A 33 -28.17 -1.61 12.08
N ILE A 34 -27.43 -2.53 11.46
CA ILE A 34 -25.97 -2.45 11.44
C ILE A 34 -25.42 -2.20 10.03
N MET A 35 -24.71 -1.09 9.88
CA MET A 35 -24.10 -0.76 8.61
C MET A 35 -22.63 -1.13 8.77
N ALA A 36 -22.20 -2.18 8.08
CA ALA A 36 -20.82 -2.62 8.17
C ALA A 36 -19.99 -1.76 7.22
N VAL A 37 -18.93 -1.15 7.72
CA VAL A 37 -18.12 -0.32 6.83
C VAL A 37 -16.85 -1.04 6.34
N VAL A 38 -16.84 -1.24 5.03
CA VAL A 38 -15.79 -1.97 4.36
C VAL A 38 -14.96 -1.11 3.42
N LYS A 39 -14.75 0.15 3.78
CA LYS A 39 -13.93 1.01 2.93
C LYS A 39 -12.47 0.53 2.97
N ALA A 40 -11.65 1.05 2.05
CA ALA A 40 -10.25 0.67 1.96
C ALA A 40 -10.08 -0.85 1.80
N ASN A 41 -10.91 -1.46 0.95
CA ASN A 41 -10.88 -2.90 0.71
C ASN A 41 -11.09 -3.64 2.03
N ALA A 42 -12.08 -3.14 2.78
CA ALA A 42 -12.43 -3.69 4.08
C ALA A 42 -11.22 -3.59 5.01
N TYR A 43 -10.72 -2.37 5.17
CA TYR A 43 -9.57 -2.15 6.04
C TYR A 43 -8.44 -3.14 5.69
N GLY A 44 -8.22 -3.34 4.40
CA GLY A 44 -7.16 -4.23 3.96
C GLY A 44 -7.43 -5.72 4.08
N HIS A 45 -8.67 -6.08 4.40
CA HIS A 45 -9.06 -7.48 4.58
C HIS A 45 -9.75 -8.16 3.38
N GLY A 46 -10.22 -7.38 2.40
CA GLY A 46 -10.89 -7.96 1.24
C GLY A 46 -12.36 -7.55 1.26
N ASP A 47 -12.68 -6.50 0.51
CA ASP A 47 -14.03 -5.95 0.46
C ASP A 47 -15.26 -6.86 0.32
N VAL A 48 -15.33 -7.63 -0.75
CA VAL A 48 -16.50 -8.47 -0.95
C VAL A 48 -16.57 -9.66 0.03
N GLN A 49 -15.41 -10.22 0.40
CA GLN A 49 -15.43 -11.34 1.32
C GLN A 49 -15.95 -10.91 2.69
N VAL A 50 -15.49 -9.77 3.19
CA VAL A 50 -15.95 -9.30 4.49
C VAL A 50 -17.40 -8.87 4.39
N ALA A 51 -17.76 -8.20 3.30
CA ALA A 51 -19.13 -7.74 3.09
C ALA A 51 -20.11 -8.92 3.11
N ARG A 52 -19.81 -9.98 2.36
CA ARG A 52 -20.68 -11.16 2.33
C ARG A 52 -20.87 -11.73 3.73
N THR A 53 -19.76 -11.85 4.47
CA THR A 53 -19.76 -12.40 5.83
C THR A 53 -20.54 -11.52 6.81
N ALA A 54 -20.30 -10.22 6.79
CA ALA A 54 -21.01 -9.31 7.68
C ALA A 54 -22.53 -9.36 7.46
N LEU A 55 -22.94 -9.39 6.20
CA LEU A 55 -24.37 -9.45 5.87
C LEU A 55 -25.00 -10.73 6.40
N GLU A 56 -24.21 -11.79 6.50
CA GLU A 56 -24.67 -13.09 7.00
C GLU A 56 -24.93 -13.03 8.49
N ALA A 57 -24.02 -12.38 9.21
CA ALA A 57 -24.08 -12.26 10.66
C ALA A 57 -25.11 -11.27 11.22
N GLY A 58 -25.71 -10.46 10.35
CA GLY A 58 -26.71 -9.52 10.82
C GLY A 58 -26.68 -8.12 10.24
N ALA A 59 -25.67 -7.79 9.47
CA ALA A 59 -25.58 -6.45 8.88
C ALA A 59 -26.61 -6.36 7.74
N SER A 60 -27.09 -5.16 7.47
CA SER A 60 -28.08 -4.99 6.42
C SER A 60 -27.63 -3.99 5.38
N ARG A 61 -26.67 -3.13 5.74
CA ARG A 61 -26.16 -2.14 4.80
C ARG A 61 -24.63 -2.16 4.83
N LEU A 62 -24.03 -1.51 3.84
CA LEU A 62 -22.59 -1.45 3.73
C LEU A 62 -22.20 0.01 3.51
N ALA A 63 -21.02 0.38 3.98
CA ALA A 63 -20.57 1.74 3.82
C ALA A 63 -19.20 1.69 3.20
N VAL A 64 -18.91 2.68 2.36
CA VAL A 64 -17.67 2.73 1.65
C VAL A 64 -17.19 4.19 1.64
N ALA A 65 -15.92 4.45 1.32
CA ALA A 65 -15.39 5.83 1.32
C ALA A 65 -15.69 6.69 0.10
N PHE A 66 -15.53 6.13 -1.10
CA PHE A 66 -15.84 6.89 -2.31
C PHE A 66 -16.53 6.01 -3.37
N LEU A 67 -17.10 6.63 -4.39
CA LEU A 67 -17.86 5.88 -5.42
C LEU A 67 -17.23 4.63 -6.05
N ASP A 68 -15.98 4.72 -6.49
CA ASP A 68 -15.36 3.55 -7.09
C ASP A 68 -15.50 2.31 -6.20
N GLU A 69 -15.32 2.48 -4.90
CA GLU A 69 -15.40 1.34 -3.97
C GLU A 69 -16.78 0.73 -3.96
N ALA A 70 -17.81 1.56 -4.07
CA ALA A 70 -19.19 1.09 -4.09
C ALA A 70 -19.46 0.34 -5.41
N LEU A 71 -18.99 0.91 -6.52
CA LEU A 71 -19.21 0.28 -7.81
C LEU A 71 -18.51 -1.08 -7.90
N ALA A 72 -17.33 -1.19 -7.30
CA ALA A 72 -16.59 -2.43 -7.32
C ALA A 72 -17.34 -3.54 -6.58
N LEU A 73 -18.05 -3.17 -5.52
CA LEU A 73 -18.83 -4.13 -4.75
C LEU A 73 -20.02 -4.63 -5.58
N ARG A 74 -20.58 -3.74 -6.39
CA ARG A 74 -21.70 -4.09 -7.25
C ARG A 74 -21.25 -5.10 -8.31
N GLU A 75 -20.09 -4.84 -8.90
CA GLU A 75 -19.58 -5.72 -9.94
C GLU A 75 -19.26 -7.12 -9.42
N LYS A 76 -19.07 -7.26 -8.12
CA LYS A 76 -18.78 -8.57 -7.57
C LYS A 76 -20.01 -9.21 -6.97
N GLY A 77 -21.18 -8.71 -7.38
CA GLY A 77 -22.43 -9.31 -6.93
C GLY A 77 -23.08 -8.91 -5.63
N ILE A 78 -22.66 -7.83 -4.99
CA ILE A 78 -23.31 -7.42 -3.74
C ILE A 78 -24.56 -6.60 -4.09
N GLU A 79 -25.73 -6.99 -3.58
CA GLU A 79 -26.95 -6.23 -3.88
C GLU A 79 -27.52 -5.42 -2.70
N ALA A 80 -26.84 -5.48 -1.55
CA ALA A 80 -27.26 -4.75 -0.36
C ALA A 80 -27.06 -3.26 -0.55
N PRO A 81 -27.73 -2.44 0.27
CA PRO A 81 -27.55 -0.99 0.13
C PRO A 81 -26.14 -0.60 0.54
N ILE A 82 -25.58 0.39 -0.14
CA ILE A 82 -24.24 0.86 0.14
C ILE A 82 -24.32 2.36 0.27
N LEU A 83 -23.60 2.91 1.24
CA LEU A 83 -23.58 4.36 1.43
C LEU A 83 -22.17 4.84 1.18
N VAL A 84 -22.03 5.90 0.41
CA VAL A 84 -20.72 6.48 0.16
C VAL A 84 -20.56 7.55 1.25
N LEU A 85 -19.68 7.29 2.21
CA LEU A 85 -19.45 8.21 3.33
C LEU A 85 -18.79 9.53 2.95
N GLY A 86 -18.01 9.52 1.88
CA GLY A 86 -17.31 10.72 1.51
C GLY A 86 -17.92 11.52 0.38
N ALA A 87 -17.11 12.39 -0.21
CA ALA A 87 -17.59 13.23 -1.29
C ALA A 87 -17.65 12.51 -2.64
N SER A 88 -18.49 13.03 -3.53
CA SER A 88 -18.63 12.47 -4.87
C SER A 88 -18.87 13.63 -5.80
N ARG A 89 -18.83 13.34 -7.11
CA ARG A 89 -19.04 14.37 -8.10
C ARG A 89 -20.52 14.49 -8.43
N PRO A 90 -21.01 15.72 -8.57
CA PRO A 90 -22.43 15.86 -8.90
C PRO A 90 -22.76 15.17 -10.23
N ALA A 91 -21.81 15.19 -11.16
CA ALA A 91 -22.01 14.55 -12.47
C ALA A 91 -22.26 13.05 -12.35
N ASP A 92 -21.77 12.44 -11.26
CA ASP A 92 -21.95 11.02 -11.05
C ASP A 92 -23.24 10.59 -10.36
N ALA A 93 -24.15 11.52 -10.17
CA ALA A 93 -25.41 11.22 -9.50
C ALA A 93 -26.26 10.20 -10.21
N ALA A 94 -26.23 10.22 -11.54
CA ALA A 94 -27.02 9.29 -12.35
C ALA A 94 -26.56 7.84 -12.25
N LEU A 95 -25.25 7.68 -12.13
CA LEU A 95 -24.63 6.38 -12.02
C LEU A 95 -24.90 5.80 -10.63
N ALA A 96 -24.86 6.67 -9.61
CA ALA A 96 -25.11 6.22 -8.25
C ALA A 96 -26.55 5.75 -8.15
N ALA A 97 -27.45 6.53 -8.72
CA ALA A 97 -28.88 6.21 -8.66
C ALA A 97 -29.22 4.94 -9.43
N GLN A 98 -28.51 4.70 -10.53
CA GLN A 98 -28.76 3.51 -11.33
C GLN A 98 -28.26 2.28 -10.58
N GLN A 99 -27.12 2.41 -9.91
CA GLN A 99 -26.54 1.30 -9.16
C GLN A 99 -27.06 1.21 -7.70
N ARG A 100 -28.06 2.02 -7.35
CA ARG A 100 -28.64 2.00 -6.00
C ARG A 100 -27.66 2.23 -4.85
N ILE A 101 -26.80 3.24 -5.05
CA ILE A 101 -25.79 3.62 -4.08
C ILE A 101 -26.20 4.94 -3.44
N ALA A 102 -26.37 4.96 -2.11
CA ALA A 102 -26.75 6.20 -1.43
C ALA A 102 -25.54 7.13 -1.28
N LEU A 103 -25.78 8.45 -1.37
CA LEU A 103 -24.70 9.42 -1.25
C LEU A 103 -24.77 10.32 -0.03
N THR A 104 -23.60 10.78 0.39
CA THR A 104 -23.51 11.70 1.51
C THR A 104 -23.52 13.08 0.89
N VAL A 105 -24.27 14.00 1.48
CA VAL A 105 -24.32 15.37 0.97
C VAL A 105 -24.13 16.32 2.16
N PHE A 106 -23.37 17.39 1.94
CA PHE A 106 -23.08 18.34 3.00
C PHE A 106 -23.06 19.79 2.55
N ARG A 107 -23.28 20.04 1.25
CA ARG A 107 -23.37 21.41 0.75
C ARG A 107 -24.45 21.58 -0.30
N SER A 108 -25.08 22.75 -0.29
CA SER A 108 -26.15 23.06 -1.21
C SER A 108 -25.69 23.31 -2.63
N ASP A 109 -24.51 23.91 -2.81
CA ASP A 109 -24.02 24.15 -4.16
C ASP A 109 -23.80 22.84 -4.91
N TRP A 110 -23.65 21.73 -4.18
CA TRP A 110 -23.46 20.43 -4.81
C TRP A 110 -24.79 20.05 -5.42
N LEU A 111 -25.85 20.21 -4.62
CA LEU A 111 -27.21 19.89 -5.02
C LEU A 111 -27.73 20.81 -6.11
N GLU A 112 -27.31 22.07 -6.09
CA GLU A 112 -27.70 23.06 -7.11
C GLU A 112 -27.24 22.44 -8.43
N GLU A 113 -25.97 22.08 -8.42
CA GLU A 113 -25.28 21.50 -9.56
C GLU A 113 -25.80 20.14 -10.03
N ALA A 114 -26.31 19.33 -9.12
CA ALA A 114 -26.81 17.99 -9.48
C ALA A 114 -28.26 17.96 -9.98
N SER A 115 -29.08 18.89 -9.51
CA SER A 115 -30.48 18.95 -9.96
C SER A 115 -30.47 19.27 -11.46
N ALA A 116 -29.48 20.05 -11.87
CA ALA A 116 -29.31 20.50 -13.25
C ALA A 116 -28.80 19.45 -14.20
N LEU A 117 -28.21 18.40 -13.65
CA LEU A 117 -27.67 17.36 -14.50
C LEU A 117 -28.44 16.06 -14.44
N TYR A 118 -29.42 15.97 -13.57
CA TYR A 118 -30.17 14.73 -13.43
C TYR A 118 -31.67 14.96 -13.42
N SER A 119 -32.39 14.04 -14.05
CA SER A 119 -33.84 14.13 -14.11
C SER A 119 -34.45 12.75 -14.34
N GLY A 120 -34.34 11.90 -13.32
CA GLY A 120 -34.91 10.57 -13.39
C GLY A 120 -34.33 9.50 -14.29
N PRO A 121 -34.93 8.30 -14.25
CA PRO A 121 -36.11 7.98 -13.42
C PRO A 121 -35.81 7.42 -12.01
N PHE A 122 -34.57 7.00 -11.79
CA PHE A 122 -34.19 6.41 -10.52
C PHE A 122 -34.04 7.42 -9.39
N PRO A 123 -34.43 7.04 -8.17
CA PRO A 123 -34.29 7.97 -7.05
C PRO A 123 -32.86 7.90 -6.49
N ILE A 124 -32.35 9.02 -5.99
CA ILE A 124 -31.01 9.02 -5.37
C ILE A 124 -31.26 9.22 -3.90
N HIS A 125 -30.73 8.32 -3.07
CA HIS A 125 -30.91 8.45 -1.65
C HIS A 125 -29.76 9.21 -1.03
N PHE A 126 -30.10 10.26 -0.31
CA PHE A 126 -29.10 11.10 0.33
C PHE A 126 -29.10 10.95 1.84
N HIS A 127 -27.92 11.14 2.40
CA HIS A 127 -27.73 11.09 3.83
C HIS A 127 -27.04 12.43 4.08
N LEU A 128 -27.70 13.32 4.82
CA LEU A 128 -27.14 14.60 5.14
C LEU A 128 -26.13 14.42 6.25
N MET A 130 -23.75 15.70 10.02
CA MET A 130 -23.75 17.15 10.31
C MET A 130 -22.39 17.19 10.93
N ASP A 131 -21.72 18.32 10.85
CA ASP A 131 -20.43 18.44 11.50
C ASP A 131 -20.76 18.96 12.92
N THR A 132 -20.62 18.08 13.91
CA THR A 132 -20.90 18.42 15.30
C THR A 132 -19.62 18.60 16.13
N GLY A 133 -18.46 18.57 15.47
CA GLY A 133 -17.20 18.74 16.18
C GLY A 133 -16.00 17.99 15.61
N MET A 134 -16.19 17.25 14.52
CA MET A 134 -15.08 16.50 13.91
C MET A 134 -14.29 17.44 12.98
N GLY A 135 -14.98 18.40 12.38
CA GLY A 135 -14.33 19.36 11.49
C GLY A 135 -13.90 18.82 10.13
N ARG A 136 -14.45 17.67 9.76
CA ARG A 136 -14.11 17.03 8.49
C ARG A 136 -15.10 17.43 7.36
N LEU A 137 -16.23 16.75 7.28
CA LEU A 137 -17.27 17.06 6.28
C LEU A 137 -18.57 17.31 7.05
N GLY A 138 -19.51 18.02 6.42
CA GLY A 138 -20.80 18.24 7.08
C GLY A 138 -21.27 19.67 7.24
N VAL A 139 -22.59 19.84 7.38
CA VAL A 139 -23.15 21.16 7.55
C VAL A 139 -22.91 21.65 8.98
N LYS A 140 -22.86 22.97 9.15
CA LYS A 140 -22.63 23.58 10.44
C LYS A 140 -23.60 24.74 10.78
N ASP A 141 -24.42 25.17 9.82
CA ASP A 141 -25.42 26.25 10.08
C ASP A 141 -26.85 25.79 9.82
N GLU A 142 -27.80 26.59 10.31
CA GLU A 142 -29.20 26.27 10.10
C GLU A 142 -29.68 26.72 8.73
N GLU A 143 -29.18 27.85 8.21
CA GLU A 143 -29.63 28.29 6.88
C GLU A 143 -29.21 27.27 5.81
N GLU A 144 -27.97 26.77 5.88
CA GLU A 144 -27.49 25.77 4.91
C GLU A 144 -28.26 24.45 5.06
N THR A 145 -28.52 24.00 6.29
CA THR A 145 -29.24 22.75 6.50
C THR A 145 -30.63 22.77 5.84
N LYS A 146 -31.33 23.89 5.99
CA LYS A 146 -32.67 24.02 5.42
C LYS A 146 -32.65 24.20 3.91
N ARG A 147 -31.58 24.77 3.39
CA ARG A 147 -31.43 24.98 1.95
C ARG A 147 -31.30 23.61 1.27
N ILE A 148 -30.42 22.77 1.82
CA ILE A 148 -30.20 21.42 1.30
C ILE A 148 -31.47 20.60 1.31
N VAL A 149 -32.18 20.69 2.42
CA VAL A 149 -33.43 19.98 2.60
C VAL A 149 -34.50 20.46 1.61
N ALA A 150 -34.52 21.76 1.33
CA ALA A 150 -35.49 22.30 0.38
C ALA A 150 -35.16 21.81 -1.03
N LEU A 151 -33.91 21.99 -1.43
CA LEU A 151 -33.45 21.56 -2.75
C LEU A 151 -33.75 20.08 -2.96
N ILE A 152 -33.64 19.30 -1.89
CA ILE A 152 -33.92 17.87 -1.97
C ILE A 152 -35.41 17.66 -2.12
N GLU A 153 -36.18 18.44 -1.37
CA GLU A 153 -37.64 18.33 -1.38
C GLU A 153 -38.18 18.75 -2.77
N ARG A 154 -37.60 19.78 -3.38
CA ARG A 154 -38.09 20.22 -4.69
C ARG A 154 -37.89 19.30 -5.91
N HIS A 155 -36.81 18.52 -5.94
CA HIS A 155 -36.54 17.61 -7.04
C HIS A 155 -37.34 16.34 -6.70
N PRO A 156 -38.10 15.80 -7.67
CA PRO A 156 -38.90 14.59 -7.41
C PRO A 156 -38.10 13.30 -7.28
N HIS A 157 -36.85 13.32 -7.72
CA HIS A 157 -36.04 12.11 -7.66
C HIS A 157 -34.98 12.10 -6.56
N PHE A 158 -34.90 13.20 -5.81
CA PHE A 158 -33.97 13.31 -4.70
C PHE A 158 -34.72 12.90 -3.42
N VAL A 159 -34.14 12.00 -2.65
CA VAL A 159 -34.76 11.52 -1.42
C VAL A 159 -33.80 11.60 -0.23
N LEU A 160 -34.27 12.15 0.89
CA LEU A 160 -33.45 12.25 2.09
C LEU A 160 -33.72 11.00 2.92
N GLU A 161 -32.85 10.01 2.78
CA GLU A 161 -33.00 8.74 3.49
C GLU A 161 -32.33 8.75 4.84
N GLY A 162 -31.29 9.56 4.98
CA GLY A 162 -30.55 9.58 6.22
C GLY A 162 -29.99 10.89 6.69
N LEU A 163 -29.44 10.84 7.90
CA LEU A 163 -28.91 12.02 8.54
C LEU A 163 -27.89 11.51 9.54
N TYR A 164 -26.66 12.01 9.48
CA TYR A 164 -25.67 11.51 10.41
C TYR A 164 -24.56 12.46 10.77
N THR A 165 -23.81 12.04 11.79
CA THR A 165 -22.67 12.80 12.23
C THR A 165 -21.63 11.76 12.61
N HIS A 166 -20.44 12.22 12.96
CA HIS A 166 -19.37 11.31 13.30
C HIS A 166 -18.59 11.92 14.46
N PHE A 167 -18.20 11.08 15.42
CA PHE A 167 -17.47 11.51 16.62
C PHE A 167 -15.96 11.47 16.44
N ALA A 168 -15.30 12.46 17.04
CA ALA A 168 -13.86 12.57 16.96
C ALA A 168 -13.16 11.91 18.15
N THR A 169 -13.86 11.77 19.27
CA THR A 169 -13.26 11.20 20.47
C THR A 169 -14.06 10.10 21.16
N ALA A 170 -14.87 9.37 20.40
CA ALA A 170 -15.68 8.32 21.00
C ALA A 170 -14.84 7.21 21.61
N ASP A 171 -13.57 7.15 21.25
CA ASP A 171 -12.70 6.11 21.76
C ASP A 171 -11.85 6.54 22.96
N GLU A 172 -12.19 7.68 23.55
CA GLU A 172 -11.48 8.18 24.72
C GLU A 172 -12.30 7.87 25.97
N VAL A 173 -11.62 7.38 27.01
CA VAL A 173 -12.29 7.04 28.26
C VAL A 173 -13.07 8.24 28.78
N ASN A 174 -12.48 9.43 28.65
CA ASN A 174 -13.13 10.67 29.07
C ASN A 174 -14.15 11.08 28.01
N THR A 175 -15.43 11.13 28.37
CA THR A 175 -16.50 11.47 27.43
C THR A 175 -16.92 12.94 27.30
N ASP A 176 -16.11 13.88 27.76
CA ASP A 176 -16.47 15.29 27.67
C ASP A 176 -16.76 15.79 26.26
N TYR A 177 -15.87 15.54 25.31
CA TYR A 177 -16.09 15.99 23.93
C TYR A 177 -17.18 15.17 23.26
N PHE A 178 -17.27 13.90 23.62
CA PHE A 178 -18.30 13.02 23.07
C PHE A 178 -19.65 13.66 23.40
N SER A 179 -19.82 14.06 24.67
CA SER A 179 -21.05 14.67 25.14
C SER A 179 -21.41 15.96 24.44
N TYR A 180 -20.43 16.82 24.20
CA TYR A 180 -20.69 18.06 23.51
C TYR A 180 -21.25 17.71 22.13
N GLN A 181 -20.59 16.79 21.44
CA GLN A 181 -21.00 16.36 20.10
C GLN A 181 -22.40 15.73 20.04
N TYR A 182 -22.69 14.80 20.95
CA TYR A 182 -24.00 14.13 20.98
C TYR A 182 -25.12 15.14 21.22
N THR A 183 -24.86 16.07 22.15
CA THR A 183 -25.82 17.10 22.51
C THR A 183 -26.01 18.05 21.33
N ARG A 184 -24.92 18.32 20.62
CA ARG A 184 -24.98 19.21 19.47
C ARG A 184 -25.76 18.58 18.33
N PHE A 185 -25.60 17.26 18.17
CA PHE A 185 -26.30 16.53 17.13
C PHE A 185 -27.78 16.66 17.48
N LEU A 186 -28.10 16.44 18.76
CA LEU A 186 -29.50 16.56 19.19
C LEU A 186 -30.04 17.97 18.90
N HIS A 187 -29.22 19.00 19.08
CA HIS A 187 -29.70 20.33 18.79
C HIS A 187 -29.87 20.52 17.29
N MET A 188 -28.93 19.97 16.53
CA MET A 188 -28.99 20.12 15.09
C MET A 188 -30.10 19.36 14.41
N LEU A 189 -30.53 18.22 14.96
CA LEU A 189 -31.63 17.44 14.37
C LEU A 189 -32.93 18.24 14.38
N GLU A 190 -33.08 19.15 15.35
CA GLU A 190 -34.30 19.93 15.42
C GLU A 190 -34.43 20.96 14.29
N TRP A 191 -33.35 21.18 13.54
CA TRP A 191 -33.38 22.14 12.42
C TRP A 191 -34.02 21.54 11.17
N LEU A 192 -34.42 20.27 11.25
CA LEU A 192 -35.03 19.59 10.12
C LEU A 192 -36.55 19.54 10.27
N PRO A 193 -37.30 19.83 9.20
CA PRO A 193 -38.76 19.81 9.22
C PRO A 193 -39.31 18.46 9.69
N SER A 194 -38.63 17.38 9.30
CA SER A 194 -39.03 16.05 9.72
C SER A 194 -37.83 15.12 9.76
N ARG A 195 -37.93 14.12 10.64
CA ARG A 195 -36.91 13.09 10.87
C ARG A 195 -36.86 12.14 9.67
N PRO A 196 -35.68 11.93 9.07
CA PRO A 196 -35.75 10.98 7.96
C PRO A 196 -35.72 9.59 8.60
N PRO A 197 -35.96 8.52 7.83
CA PRO A 197 -35.95 7.19 8.45
C PRO A 197 -34.68 6.70 9.11
N LEU A 198 -33.52 7.13 8.61
CA LEU A 198 -32.26 6.69 9.19
C LEU A 198 -31.48 7.81 9.85
N VAL A 199 -31.33 7.70 11.17
CA VAL A 199 -30.56 8.67 11.93
C VAL A 199 -29.42 7.83 12.51
N HIS A 200 -28.18 8.23 12.28
CA HIS A 200 -27.06 7.48 12.81
C HIS A 200 -25.93 8.39 13.21
N CYS A 201 -25.10 7.93 14.15
CA CYS A 201 -23.99 8.75 14.60
C CYS A 201 -22.83 7.87 15.05
N ALA A 202 -23.15 6.69 15.58
CA ALA A 202 -22.13 5.80 16.12
C ALA A 202 -21.17 5.03 15.22
N ASN A 203 -19.92 4.94 15.68
CA ASN A 203 -18.87 4.18 15.01
C ASN A 203 -18.71 2.98 15.94
N SER A 204 -17.62 2.23 15.83
CA SER A 204 -17.45 1.05 16.69
C SER A 204 -17.46 1.39 18.19
N ALA A 205 -16.59 2.33 18.55
CA ALA A 205 -16.44 2.76 19.94
C ALA A 205 -17.74 3.22 20.58
N ALA A 206 -18.42 4.17 19.95
CA ALA A 206 -19.68 4.70 20.47
C ALA A 206 -20.74 3.61 20.65
N SER A 207 -20.88 2.72 19.67
CA SER A 207 -21.89 1.67 19.73
C SER A 207 -21.56 0.53 20.70
N LEU A 208 -20.30 0.30 20.97
CA LEU A 208 -19.93 -0.75 21.91
C LEU A 208 -20.00 -0.22 23.35
N ARG A 209 -19.79 1.08 23.52
CA ARG A 209 -19.82 1.66 24.85
C ARG A 209 -21.23 2.16 25.25
N PHE A 210 -21.97 2.69 24.28
CA PHE A 210 -23.29 3.21 24.53
C PHE A 210 -24.35 2.76 23.51
N PRO A 211 -24.72 1.47 23.53
CA PRO A 211 -25.70 0.81 22.63
C PRO A 211 -27.09 1.44 22.60
N ASP A 212 -27.47 2.05 23.71
CA ASP A 212 -28.78 2.68 23.87
C ASP A 212 -28.83 4.08 23.28
N ARG A 213 -27.66 4.63 22.97
CA ARG A 213 -27.53 5.99 22.42
C ARG A 213 -27.20 6.01 20.93
N THR A 214 -27.60 4.98 20.20
CA THR A 214 -27.29 4.88 18.77
C THR A 214 -28.38 5.22 17.75
N PHE A 215 -29.60 5.52 18.20
CA PHE A 215 -30.71 5.83 17.32
C PHE A 215 -31.03 4.58 16.50
N ASN A 216 -31.21 4.67 15.18
CA ASN A 216 -31.55 3.42 14.49
C ASN A 216 -30.57 2.72 13.56
N MET A 217 -29.33 3.19 13.48
CA MET A 217 -28.31 2.53 12.65
C MET A 217 -26.90 2.84 13.12
N VAL A 218 -26.06 1.82 13.21
CA VAL A 218 -24.67 2.02 13.61
C VAL A 218 -23.72 1.71 12.43
N ARG A 219 -22.61 2.44 12.35
CA ARG A 219 -21.62 2.24 11.30
C ARG A 219 -20.42 1.54 11.96
N PHE A 220 -20.45 0.22 11.88
CA PHE A 220 -19.45 -0.64 12.49
C PHE A 220 -18.22 -0.93 11.61
N GLY A 221 -17.07 -0.43 12.04
CA GLY A 221 -15.84 -0.64 11.32
C GLY A 221 -14.75 -1.47 12.00
N ILE A 222 -13.74 -0.78 12.52
CA ILE A 222 -12.59 -1.41 13.16
C ILE A 222 -12.89 -2.60 14.07
N ALA A 223 -13.96 -2.56 14.86
CA ALA A 223 -14.26 -3.68 15.75
C ALA A 223 -14.70 -4.94 15.02
N MET A 224 -15.21 -4.78 13.80
CA MET A 224 -15.65 -5.92 12.99
C MET A 224 -14.46 -6.83 12.70
N TYR A 225 -13.29 -6.21 12.54
CA TYR A 225 -12.07 -6.95 12.22
C TYR A 225 -11.38 -7.48 13.48
N GLY A 226 -12.01 -7.25 14.62
CA GLY A 226 -11.45 -7.74 15.87
C GLY A 226 -10.38 -6.87 16.49
N LEU A 227 -10.29 -5.62 16.07
CA LEU A 227 -9.31 -4.67 16.58
C LEU A 227 -10.01 -3.61 17.44
N ALA A 228 -9.48 -3.35 18.63
CA ALA A 228 -10.09 -2.37 19.52
C ALA A 228 -9.95 -0.96 19.01
N PRO A 229 -11.01 -0.14 19.16
CA PRO A 229 -10.92 1.23 18.68
C PRO A 229 -9.71 2.04 19.20
N SER A 230 -9.19 1.74 20.39
CA SER A 230 -8.06 2.44 20.96
C SER A 230 -7.54 1.70 22.21
N PRO A 231 -6.29 2.00 22.58
CA PRO A 231 -5.87 1.25 23.76
C PRO A 231 -6.65 1.62 25.01
N GLY A 232 -7.23 2.81 24.96
CA GLY A 232 -7.98 3.33 26.07
C GLY A 232 -9.15 2.56 26.53
N ILE A 233 -9.98 2.15 25.58
CA ILE A 233 -11.18 1.44 25.95
C ILE A 233 -11.23 -0.08 25.97
N LYS A 234 -10.10 -0.78 25.84
CA LYS A 234 -10.11 -2.26 25.81
C LYS A 234 -10.92 -2.92 26.92
N PRO A 235 -10.71 -2.50 28.18
CA PRO A 235 -11.45 -3.07 29.31
C PRO A 235 -12.94 -2.70 29.32
N LEU A 236 -13.30 -1.65 28.60
CA LEU A 236 -14.70 -1.19 28.54
C LEU A 236 -15.54 -1.98 27.52
N LEU A 237 -14.90 -2.86 26.74
CA LEU A 237 -15.61 -3.62 25.72
C LEU A 237 -16.49 -4.74 26.28
N PRO A 238 -17.77 -4.78 25.87
CA PRO A 238 -18.79 -5.75 26.27
C PRO A 238 -18.52 -7.23 25.96
N TYR A 239 -17.93 -7.51 24.81
CA TYR A 239 -17.63 -8.89 24.44
C TYR A 239 -16.22 -8.96 23.90
N PRO A 240 -15.56 -10.12 24.03
CA PRO A 240 -14.19 -10.21 23.52
C PRO A 240 -14.16 -10.07 22.00
N LEU A 241 -13.15 -9.37 21.48
CA LEU A 241 -13.01 -9.17 20.04
C LEU A 241 -12.06 -10.20 19.48
N LYS A 242 -12.38 -10.73 18.29
CA LYS A 242 -11.53 -11.75 17.66
C LYS A 242 -10.77 -11.21 16.45
N GLU A 243 -9.44 -11.11 16.60
CA GLU A 243 -8.55 -10.60 15.56
C GLU A 243 -8.67 -11.52 14.33
N ALA A 244 -8.85 -10.91 13.17
CA ALA A 244 -9.04 -11.67 11.94
C ALA A 244 -7.84 -11.75 10.99
N PHE A 245 -6.96 -10.77 11.05
CA PHE A 245 -5.80 -10.69 10.16
C PHE A 245 -4.51 -11.28 10.75
N SER A 246 -3.79 -12.05 9.94
CA SER A 246 -2.49 -12.61 10.33
C SER A 246 -1.65 -12.53 9.06
N LEU A 247 -0.34 -12.38 9.24
CA LEU A 247 0.59 -12.24 8.12
C LEU A 247 1.72 -13.24 8.24
N HIS A 248 2.00 -13.98 7.17
CA HIS A 248 3.04 -14.99 7.22
C HIS A 248 4.00 -15.02 6.02
N SER A 249 5.10 -15.74 6.21
CA SER A 249 6.11 -15.88 5.17
C SER A 249 6.85 -17.19 5.43
N ARG A 250 7.92 -17.41 4.68
CA ARG A 250 8.73 -18.62 4.82
C ARG A 250 10.19 -18.32 4.56
N LEU A 251 11.08 -19.08 5.18
CA LEU A 251 12.50 -18.88 4.96
C LEU A 251 12.87 -19.34 3.55
N VAL A 252 13.47 -18.47 2.75
CA VAL A 252 13.87 -18.86 1.39
C VAL A 252 15.38 -19.07 1.34
N HIS A 253 16.09 -18.55 2.34
CA HIS A 253 17.53 -18.76 2.39
C HIS A 253 18.01 -18.78 3.84
N VAL A 254 18.96 -19.68 4.09
CA VAL A 254 19.54 -19.85 5.40
C VAL A 254 21.05 -19.98 5.22
N LYS A 255 21.81 -19.34 6.10
CA LYS A 255 23.26 -19.38 6.04
C LYS A 255 23.89 -18.96 7.37
N LYS A 256 25.10 -19.43 7.62
CA LYS A 256 25.82 -19.11 8.83
C LYS A 256 26.85 -18.04 8.50
N LEU A 257 26.96 -17.02 9.36
CA LEU A 257 27.95 -15.98 9.12
C LEU A 257 29.10 -16.21 10.10
N GLN A 258 30.24 -15.63 9.76
CA GLN A 258 31.44 -15.71 10.60
C GLN A 258 31.51 -14.32 11.20
N PRO A 259 32.22 -14.17 12.32
CA PRO A 259 32.34 -12.85 12.96
C PRO A 259 32.97 -11.74 12.12
N GLY A 260 32.20 -10.67 11.89
CA GLY A 260 32.72 -9.55 11.11
C GLY A 260 31.99 -9.30 9.80
N GLU A 261 31.16 -10.25 9.36
CA GLU A 261 30.44 -10.08 8.11
C GLU A 261 29.23 -9.16 8.29
N LYS A 262 28.99 -8.32 7.28
CA LYS A 262 27.89 -7.37 7.33
C LYS A 262 26.63 -7.79 6.60
N VAL A 263 25.51 -7.22 7.04
CA VAL A 263 24.20 -7.54 6.47
C VAL A 263 23.37 -6.32 6.03
N SER A 264 22.83 -6.43 4.82
CA SER A 264 21.95 -5.42 4.19
C SER A 264 22.46 -4.03 3.82
N TYR A 265 21.56 -3.23 3.27
CA TYR A 265 21.85 -1.87 2.82
C TYR A 265 22.56 -1.04 3.88
N GLY A 266 23.56 -0.29 3.44
CA GLY A 266 24.32 0.54 4.36
C GLY A 266 25.20 -0.29 5.28
N ALA A 267 25.14 -1.62 5.10
CA ALA A 267 25.90 -2.59 5.89
C ALA A 267 25.93 -2.19 7.35
N THR A 268 24.73 -1.96 7.86
CA THR A 268 24.43 -1.54 9.22
C THR A 268 24.73 -2.60 10.30
N TYR A 269 24.34 -3.84 10.05
CA TYR A 269 24.52 -4.93 11.00
C TYR A 269 25.80 -5.72 10.78
N THR A 270 26.41 -6.17 11.88
CA THR A 270 27.63 -6.97 11.84
C THR A 270 27.43 -8.11 12.82
N ALA A 271 27.66 -9.35 12.37
CA ALA A 271 27.52 -10.51 13.25
C ALA A 271 28.74 -10.53 14.18
N GLN A 272 28.53 -10.88 15.45
CA GLN A 272 29.67 -10.91 16.36
C GLN A 272 30.14 -12.31 16.76
N THR A 273 29.27 -13.31 16.74
CA THR A 273 29.68 -14.69 17.01
C THR A 273 29.28 -15.39 15.73
N GLU A 274 29.30 -16.71 15.73
CA GLU A 274 28.88 -17.45 14.54
C GLU A 274 27.36 -17.51 14.61
N GLU A 275 26.70 -16.84 13.68
CA GLU A 275 25.25 -16.84 13.72
C GLU A 275 24.56 -17.18 12.42
N TRP A 276 23.38 -17.75 12.57
CA TRP A 276 22.56 -18.13 11.43
C TRP A 276 21.61 -17.02 11.06
N ILE A 277 21.67 -16.64 9.79
CA ILE A 277 20.86 -15.58 9.25
C ILE A 277 19.85 -16.16 8.26
N GLY A 278 18.60 -15.75 8.40
CA GLY A 278 17.57 -16.25 7.51
C GLY A 278 17.04 -15.11 6.66
N THR A 279 16.62 -15.42 5.44
CA THR A 279 16.09 -14.36 4.59
C THR A 279 14.65 -14.69 4.28
N ILE A 280 13.77 -13.69 4.39
CA ILE A 280 12.36 -13.92 4.08
C ILE A 280 11.95 -13.04 2.93
N PRO A 281 11.01 -13.51 2.10
CA PRO A 281 10.56 -12.70 0.96
C PRO A 281 9.43 -11.70 1.22
N ILE A 282 9.72 -10.71 2.07
CA ILE A 282 8.75 -9.65 2.36
C ILE A 282 9.57 -8.41 2.70
N GLY A 283 9.16 -7.26 2.15
CA GLY A 283 9.86 -6.01 2.37
C GLY A 283 8.89 -4.85 2.45
N TYR A 284 9.42 -3.62 2.37
CA TYR A 284 8.57 -2.45 2.48
C TYR A 284 7.53 -2.23 1.39
N ALA A 285 7.76 -2.76 0.18
CA ALA A 285 6.77 -2.61 -0.88
C ALA A 285 5.56 -3.49 -0.58
N ASP A 286 5.69 -4.32 0.45
CA ASP A 286 4.60 -5.19 0.87
C ASP A 286 3.87 -4.56 2.07
N GLY A 287 4.34 -3.42 2.53
CA GLY A 287 3.70 -2.77 3.66
C GLY A 287 4.45 -3.04 4.94
N TRP A 288 5.52 -3.81 4.84
CA TRP A 288 6.36 -4.12 6.00
C TRP A 288 7.45 -3.04 5.96
N LEU A 289 7.06 -1.84 6.38
CA LEU A 289 7.91 -0.65 6.37
C LEU A 289 9.26 -0.71 7.10
N ARG A 290 10.20 0.09 6.58
CA ARG A 290 11.57 0.20 7.09
C ARG A 290 11.71 0.51 8.58
N ARG A 291 10.75 1.26 9.12
CA ARG A 291 10.74 1.65 10.53
C ARG A 291 10.69 0.43 11.44
N LEU A 292 10.32 -0.71 10.86
CA LEU A 292 10.24 -1.96 11.64
C LEU A 292 11.58 -2.68 11.68
N GLN A 293 12.67 -2.00 11.35
CA GLN A 293 13.95 -2.70 11.35
C GLN A 293 14.48 -3.17 12.69
N HIS A 294 13.94 -2.66 13.79
CA HIS A 294 14.38 -3.09 15.12
C HIS A 294 13.31 -3.93 15.81
N PHE A 295 12.40 -4.48 15.00
CA PHE A 295 11.30 -5.30 15.50
C PHE A 295 11.69 -6.77 15.35
N HIS A 296 10.74 -7.68 15.50
CA HIS A 296 11.05 -9.11 15.39
C HIS A 296 9.90 -9.88 14.75
N VAL A 297 10.17 -11.12 14.36
CA VAL A 297 9.18 -11.99 13.75
C VAL A 297 9.26 -13.31 14.52
N LEU A 298 8.32 -14.21 14.28
CA LEU A 298 8.33 -15.49 14.98
C LEU A 298 8.78 -16.62 14.07
N VAL A 299 9.74 -17.40 14.53
CA VAL A 299 10.23 -18.55 13.77
C VAL A 299 10.26 -19.72 14.74
N ASP A 300 9.54 -20.79 14.39
CA ASP A 300 9.51 -22.01 15.18
C ASP A 300 9.20 -21.80 16.66
N GLY A 301 8.11 -21.08 16.95
CA GLY A 301 7.68 -20.72 18.33
C GLY A 301 8.60 -19.74 19.11
N GLN A 302 9.56 -19.09 18.45
CA GLN A 302 10.45 -18.18 19.15
C GLN A 302 10.58 -16.84 18.47
N LYS A 303 10.91 -15.82 19.26
CA LYS A 303 11.10 -14.45 18.78
C LYS A 303 12.47 -14.42 18.15
N ALA A 304 12.59 -13.79 16.99
CA ALA A 304 13.87 -13.68 16.28
C ALA A 304 13.92 -12.28 15.71
N PRO A 305 14.97 -11.50 16.02
CA PRO A 305 15.02 -10.14 15.49
C PRO A 305 15.32 -9.94 14.02
N ILE A 306 14.82 -8.83 13.50
CA ILE A 306 15.06 -8.45 12.13
C ILE A 306 16.43 -7.84 12.26
N VAL A 307 17.29 -8.22 11.33
CA VAL A 307 18.68 -7.82 11.36
C VAL A 307 19.06 -6.98 10.12
N GLY A 308 19.63 -5.80 10.36
CA GLY A 308 20.00 -4.89 9.28
C GLY A 308 18.80 -4.11 8.76
N ARG A 309 18.96 -3.39 7.66
CA ARG A 309 17.85 -2.61 7.11
C ARG A 309 16.89 -3.48 6.30
N ILE A 310 15.63 -3.03 6.22
CA ILE A 310 14.63 -3.77 5.47
C ILE A 310 14.68 -3.37 4.01
N CYS A 311 14.60 -4.36 3.13
CA CYS A 311 14.64 -4.12 1.69
C CYS A 311 13.24 -4.01 1.07
N MET A 312 13.18 -3.75 -0.23
CA MET A 312 11.88 -3.60 -0.87
C MET A 312 11.07 -4.88 -0.87
N ASP A 313 11.73 -6.01 -1.12
CA ASP A 313 11.04 -7.30 -1.21
C ASP A 313 11.47 -8.37 -0.21
N GLN A 314 12.50 -8.08 0.58
CA GLN A 314 12.95 -9.05 1.56
C GLN A 314 13.71 -8.43 2.71
N CYS A 315 13.87 -9.19 3.78
CA CYS A 315 14.59 -8.73 4.94
C CYS A 315 15.21 -9.94 5.60
N MET A 316 16.23 -9.69 6.43
CA MET A 316 16.95 -10.74 7.14
C MET A 316 16.59 -10.76 8.63
N ILE A 317 16.74 -11.92 9.26
CA ILE A 317 16.46 -12.08 10.69
C ILE A 317 17.48 -13.04 11.31
N ARG A 318 17.88 -12.80 12.56
CA ARG A 318 18.84 -13.71 13.22
C ARG A 318 18.04 -14.92 13.70
N LEU A 319 18.53 -16.12 13.35
CA LEU A 319 17.87 -17.36 13.74
C LEU A 319 18.51 -17.97 14.99
N PRO A 320 17.74 -18.80 15.71
CA PRO A 320 18.28 -19.43 16.93
C PRO A 320 19.40 -20.42 16.61
N GLY A 321 19.36 -20.96 15.39
CA GLY A 321 20.36 -21.90 14.94
C GLY A 321 19.98 -22.37 13.56
N PRO A 322 20.63 -23.41 13.01
CA PRO A 322 20.27 -23.88 11.67
C PRO A 322 18.85 -24.45 11.51
N LEU A 323 17.98 -23.66 10.87
CA LEU A 323 16.61 -24.06 10.60
C LEU A 323 16.49 -24.39 9.12
N PRO A 324 15.56 -25.27 8.75
CA PRO A 324 15.41 -25.61 7.33
C PRO A 324 14.77 -24.52 6.47
N VAL A 325 15.17 -24.49 5.20
CA VAL A 325 14.59 -23.53 4.29
C VAL A 325 13.15 -23.98 4.11
N GLY A 326 12.21 -23.02 4.12
CA GLY A 326 10.81 -23.36 4.00
C GLY A 326 10.09 -23.29 5.33
N THR A 327 10.83 -22.99 6.40
CA THR A 327 10.24 -22.89 7.73
C THR A 327 9.35 -21.66 7.77
N LYS A 328 8.13 -21.85 8.28
CA LYS A 328 7.16 -20.77 8.37
C LYS A 328 7.61 -19.70 9.36
N VAL A 329 7.45 -18.45 8.94
CA VAL A 329 7.78 -17.28 9.73
C VAL A 329 6.44 -16.54 9.87
N THR A 330 6.12 -16.07 11.08
CA THR A 330 4.89 -15.34 11.31
C THR A 330 5.25 -13.91 11.72
N LEU A 331 4.76 -12.95 10.94
CA LEU A 331 5.01 -11.52 11.16
C LEU A 331 3.95 -10.92 12.07
N ILE A 332 2.73 -11.42 11.92
CA ILE A 332 1.61 -10.96 12.71
C ILE A 332 0.81 -12.23 12.90
N GLY A 333 0.62 -12.64 14.15
CA GLY A 333 -0.11 -13.86 14.39
C GLY A 333 0.47 -14.64 15.54
N ARG A 334 0.00 -15.87 15.71
CA ARG A 334 0.49 -16.69 16.79
C ARG A 334 1.32 -17.87 16.32
N GLN A 335 2.35 -18.16 17.11
CA GLN A 335 3.21 -19.29 16.86
C GLN A 335 3.51 -19.86 18.25
N GLY A 336 2.77 -20.92 18.61
CA GLY A 336 2.93 -21.53 19.90
C GLY A 336 2.35 -20.71 21.03
N ASP A 337 3.22 -20.31 21.96
CA ASP A 337 2.82 -19.49 23.10
C ASP A 337 3.05 -18.02 22.84
N GLU A 338 3.88 -17.73 21.84
CA GLU A 338 4.20 -16.36 21.46
C GLU A 338 3.15 -15.82 20.49
N VAL A 339 3.00 -14.51 20.48
CA VAL A 339 2.03 -13.88 19.61
C VAL A 339 2.44 -12.45 19.31
N ILE A 340 2.18 -12.02 18.08
CA ILE A 340 2.46 -10.65 17.66
C ILE A 340 1.13 -10.16 17.13
N SER A 341 0.63 -9.09 17.72
CA SER A 341 -0.66 -8.54 17.31
C SER A 341 -0.45 -7.29 16.49
N ILE A 342 -1.52 -6.83 15.85
CA ILE A 342 -1.44 -5.63 15.06
C ILE A 342 -1.12 -4.44 15.97
N ASP A 343 -1.57 -4.49 17.22
CA ASP A 343 -1.28 -3.40 18.15
C ASP A 343 0.22 -3.35 18.42
N ASP A 344 0.86 -4.51 18.45
CA ASP A 344 2.31 -4.55 18.69
C ASP A 344 3.03 -3.87 17.54
N VAL A 345 2.64 -4.24 16.32
CA VAL A 345 3.24 -3.66 15.12
C VAL A 345 2.95 -2.16 15.14
N ALA A 346 1.70 -1.82 15.43
CA ALA A 346 1.27 -0.43 15.49
C ALA A 346 2.14 0.37 16.45
N ARG A 347 2.39 -0.16 17.65
CA ARG A 347 3.21 0.53 18.64
C ARG A 347 4.61 0.79 18.12
N HIS A 348 5.18 -0.21 17.46
CA HIS A 348 6.52 -0.04 16.90
C HIS A 348 6.60 0.93 15.73
N LEU A 349 5.49 1.04 15.01
CA LEU A 349 5.39 1.92 13.86
C LEU A 349 4.94 3.28 14.37
N GLU A 350 4.50 3.27 15.63
CA GLU A 350 4.01 4.47 16.28
C GLU A 350 2.77 5.02 15.58
N THR A 351 1.79 4.15 15.36
CA THR A 351 0.49 4.48 14.77
C THR A 351 -0.61 3.74 15.50
N ILE A 352 -1.80 3.81 14.91
CA ILE A 352 -2.98 3.13 15.44
C ILE A 352 -3.13 1.82 14.65
N ASN A 353 -3.82 0.83 15.20
CA ASN A 353 -3.98 -0.43 14.50
C ASN A 353 -4.66 -0.32 13.12
N TYR A 354 -5.49 0.70 12.93
CA TYR A 354 -6.20 0.90 11.66
C TYR A 354 -5.25 0.95 10.48
N GLU A 355 -4.13 1.63 10.68
CA GLU A 355 -3.16 1.81 9.63
C GLU A 355 -2.34 0.60 9.22
N VAL A 356 -2.26 -0.42 10.08
CA VAL A 356 -1.46 -1.58 9.75
C VAL A 356 -2.05 -2.49 8.63
N PRO A 357 -3.24 -3.07 8.82
CA PRO A 357 -3.66 -3.89 7.68
C PRO A 357 -3.85 -3.13 6.35
N CYS A 358 -4.21 -1.86 6.43
CA CYS A 358 -4.40 -1.02 5.23
C CYS A 358 -3.12 -0.87 4.43
N THR A 359 -1.99 -0.93 5.12
CA THR A 359 -0.69 -0.75 4.45
C THR A 359 -0.12 -2.03 3.85
N ILE A 360 -0.64 -3.18 4.28
CA ILE A 360 -0.18 -4.45 3.72
C ILE A 360 -0.77 -4.37 2.31
N SER A 361 0.09 -4.20 1.32
CA SER A 361 -0.30 -3.99 -0.07
C SER A 361 -0.96 -5.07 -0.93
N TYR A 362 -1.34 -4.62 -2.11
CA TYR A 362 -2.00 -5.42 -3.15
C TYR A 362 -1.13 -6.62 -3.54
N ARG A 363 0.18 -6.45 -3.35
CA ARG A 363 1.21 -7.45 -3.67
C ARG A 363 1.10 -8.71 -2.82
N VAL A 364 0.52 -8.56 -1.65
CA VAL A 364 0.38 -9.68 -0.72
C VAL A 364 -0.99 -10.34 -0.85
N PRO A 365 -1.00 -11.64 -1.19
CA PRO A 365 -2.21 -12.42 -1.37
C PRO A 365 -2.99 -12.56 -0.07
N ARG A 366 -4.31 -12.67 -0.19
CA ARG A 366 -5.17 -12.86 0.96
C ARG A 366 -5.83 -14.23 0.84
N ILE A 367 -5.68 -15.05 1.87
CA ILE A 367 -6.27 -16.37 1.89
C ILE A 367 -7.39 -16.31 2.91
N PHE A 368 -8.61 -16.61 2.46
CA PHE A 368 -9.78 -16.57 3.30
C PHE A 368 -10.19 -17.89 3.90
N PHE A 369 -10.46 -17.85 5.20
CA PHE A 369 -10.89 -19.03 5.92
C PHE A 369 -12.29 -18.84 6.42
N ARG A 370 -13.08 -19.90 6.28
CA ARG A 370 -14.44 -19.90 6.76
C ARG A 370 -14.71 -21.35 7.17
N HIS A 371 -15.22 -21.51 8.38
CA HIS A 371 -15.52 -22.83 8.94
C HIS A 371 -14.24 -23.65 9.11
N LYS A 372 -13.19 -22.94 9.50
CA LYS A 372 -11.88 -23.49 9.74
C LYS A 372 -11.22 -24.08 8.49
N ARG A 373 -11.78 -23.83 7.31
CA ARG A 373 -11.21 -24.34 6.05
C ARG A 373 -11.05 -23.21 5.02
N ILE A 374 -10.08 -23.35 4.12
CA ILE A 374 -9.82 -22.32 3.10
C ILE A 374 -11.01 -22.12 2.16
N MET A 375 -11.41 -20.87 1.99
CA MET A 375 -12.55 -20.54 1.15
C MET A 375 -12.12 -20.07 -0.24
N GLU A 376 -11.19 -19.12 -0.27
CA GLU A 376 -10.69 -18.64 -1.55
C GLU A 376 -9.38 -17.89 -1.35
N VAL A 377 -8.63 -17.75 -2.43
CA VAL A 377 -7.37 -17.03 -2.42
C VAL A 377 -7.61 -15.85 -3.33
N ARG A 378 -7.08 -14.70 -2.94
CA ARG A 378 -7.24 -13.49 -3.72
C ARG A 378 -5.87 -12.82 -3.87
N ASN A 379 -5.30 -12.99 -5.05
CA ASN A 379 -4.01 -12.43 -5.41
C ASN A 379 -4.31 -11.27 -6.34
N ALA A 380 -4.07 -10.03 -5.89
CA ALA A 380 -4.38 -8.86 -6.71
C ALA A 380 -3.59 -8.76 -8.02
N ILE A 381 -2.34 -9.20 -8.02
CA ILE A 381 -1.56 -9.15 -9.26
C ILE A 381 -1.59 -10.53 -9.89
N GLY A 382 -2.68 -11.24 -9.62
CA GLY A 382 -2.85 -12.57 -10.15
C GLY A 382 -3.41 -12.62 -11.55
N ARG A 383 -3.25 -13.77 -12.19
CA ARG A 383 -3.71 -14.02 -13.56
C ARG A 383 -5.23 -14.00 -13.67
N ASN B 2 -9.33 3.74 -18.58
CA ASN B 2 -10.34 3.63 -17.48
C ASN B 2 -10.66 5.02 -16.99
N ASP B 3 -11.48 5.10 -15.96
CA ASP B 3 -11.80 6.38 -15.36
C ASP B 3 -12.02 6.16 -13.87
N PHE B 4 -12.01 7.24 -13.11
CA PHE B 4 -12.15 7.14 -11.67
C PHE B 4 -13.19 8.12 -11.15
N HIS B 5 -13.75 7.84 -9.98
CA HIS B 5 -14.79 8.71 -9.44
C HIS B 5 -14.54 9.39 -8.10
N ARG B 6 -13.29 9.78 -7.91
CA ARG B 6 -12.86 10.50 -6.72
C ARG B 6 -11.74 11.41 -7.19
N ASP B 7 -11.70 12.64 -6.70
CA ASP B 7 -10.67 13.57 -7.15
C ASP B 7 -9.30 13.49 -6.49
N THR B 8 -8.69 12.30 -6.56
CA THR B 8 -7.35 12.06 -6.03
C THR B 8 -6.70 11.16 -7.06
N TRP B 9 -5.55 11.59 -7.58
CA TRP B 9 -4.87 10.80 -8.59
C TRP B 9 -3.37 11.08 -8.66
N ALA B 10 -2.64 10.09 -9.14
CA ALA B 10 -1.19 10.22 -9.31
C ALA B 10 -0.95 10.43 -10.80
N GLU B 11 0.11 11.14 -11.14
CA GLU B 11 0.46 11.36 -12.53
C GLU B 11 1.86 10.84 -12.76
N VAL B 12 2.01 10.03 -13.80
CA VAL B 12 3.29 9.44 -14.13
C VAL B 12 3.73 9.98 -15.49
N ASP B 13 4.90 10.62 -15.49
CA ASP B 13 5.46 11.22 -16.69
C ASP B 13 6.39 10.24 -17.38
N LEU B 14 5.87 9.54 -18.38
CA LEU B 14 6.67 8.56 -19.12
C LEU B 14 7.82 9.19 -19.92
N ASP B 15 7.67 10.46 -20.28
CA ASP B 15 8.74 11.14 -21.01
C ASP B 15 9.97 11.24 -20.13
N ALA B 16 9.74 11.43 -18.83
CA ALA B 16 10.83 11.54 -17.86
C ALA B 16 11.52 10.19 -17.79
N ILE B 17 10.73 9.14 -17.72
CA ILE B 17 11.29 7.81 -17.65
C ILE B 17 12.05 7.51 -18.94
N TYR B 18 11.54 7.95 -20.08
CA TYR B 18 12.24 7.71 -21.36
C TYR B 18 13.60 8.40 -21.35
N ASP B 19 13.64 9.68 -20.95
CA ASP B 19 14.91 10.42 -20.89
C ASP B 19 15.94 9.84 -19.93
N ASN B 20 15.49 9.36 -18.77
CA ASN B 20 16.41 8.80 -17.80
C ASN B 20 17.09 7.56 -18.34
N VAL B 21 16.36 6.77 -19.13
CA VAL B 21 16.92 5.55 -19.71
C VAL B 21 17.78 5.82 -20.94
N GLU B 22 17.31 6.69 -21.82
CA GLU B 22 18.05 6.99 -23.04
C GLU B 22 19.39 7.64 -22.76
N ASN B 23 19.46 8.42 -21.68
CA ASN B 23 20.71 9.08 -21.31
C ASN B 23 21.74 8.06 -20.83
N LEU B 24 21.29 7.01 -20.17
CA LEU B 24 22.21 5.96 -19.71
C LEU B 24 22.64 5.15 -20.93
N ARG B 25 21.70 4.90 -21.84
CA ARG B 25 21.93 4.16 -23.09
C ARG B 25 23.03 4.87 -23.90
N ARG B 26 23.16 6.17 -23.69
CA ARG B 26 24.15 6.96 -24.39
C ARG B 26 25.49 6.90 -23.67
N LEU B 27 25.39 6.94 -22.36
CA LEU B 27 26.52 6.91 -21.44
C LEU B 27 27.21 5.55 -21.33
N LEU B 28 26.54 4.48 -21.74
CA LEU B 28 27.09 3.11 -21.68
C LEU B 28 27.55 2.59 -23.05
N PRO B 29 28.46 1.59 -23.06
CA PRO B 29 29.01 0.95 -24.27
C PRO B 29 27.96 0.10 -25.06
N ASP B 30 28.06 0.13 -26.39
CA ASP B 30 27.15 -0.59 -27.29
C ASP B 30 26.91 -2.05 -26.92
N ASP B 31 27.90 -2.65 -26.28
CA ASP B 31 27.84 -4.05 -25.88
C ASP B 31 27.00 -4.29 -24.65
N THR B 32 26.89 -3.25 -23.83
CA THR B 32 26.19 -3.30 -22.56
C THR B 32 24.68 -3.12 -22.57
N HIS B 33 23.98 -4.11 -22.02
CA HIS B 33 22.52 -4.11 -21.93
C HIS B 33 22.04 -3.34 -20.71
N ILE B 34 20.81 -2.88 -20.80
CA ILE B 34 20.19 -2.19 -19.69
C ILE B 34 19.00 -3.06 -19.32
N MET B 35 18.97 -3.47 -18.07
CA MET B 35 17.88 -4.27 -17.56
C MET B 35 17.09 -3.32 -16.68
N ALA B 36 15.89 -2.94 -17.11
CA ALA B 36 15.07 -2.02 -16.35
C ALA B 36 14.43 -2.76 -15.17
N VAL B 37 14.66 -2.29 -13.94
CA VAL B 37 14.07 -2.95 -12.79
C VAL B 37 12.67 -2.39 -12.64
N VAL B 38 11.71 -3.29 -12.73
CA VAL B 38 10.34 -2.89 -12.72
C VAL B 38 9.49 -3.62 -11.66
N LYS B 39 10.15 -4.00 -10.57
CA LYS B 39 9.46 -4.67 -9.47
C LYS B 39 8.57 -3.71 -8.68
N ALA B 40 7.70 -4.28 -7.86
CA ALA B 40 6.76 -3.50 -7.05
C ALA B 40 5.97 -2.54 -7.94
N ASN B 41 5.31 -3.09 -8.97
CA ASN B 41 4.53 -2.31 -9.91
C ASN B 41 5.38 -1.13 -10.41
N ALA B 42 6.63 -1.43 -10.73
CA ALA B 42 7.55 -0.41 -11.18
C ALA B 42 7.67 0.73 -10.14
N TYR B 43 7.97 0.35 -8.89
CA TYR B 43 8.15 1.30 -7.81
C TYR B 43 6.92 2.19 -7.66
N GLY B 44 5.75 1.59 -7.84
CA GLY B 44 4.50 2.34 -7.71
C GLY B 44 4.15 3.23 -8.89
N HIS B 45 4.91 3.16 -9.97
CA HIS B 45 4.65 3.97 -11.17
C HIS B 45 3.79 3.27 -12.27
N GLY B 46 3.67 1.94 -12.21
CA GLY B 46 2.88 1.21 -13.21
C GLY B 46 3.77 0.28 -14.02
N ASP B 47 3.66 -1.02 -13.78
CA ASP B 47 4.53 -1.98 -14.46
C ASP B 47 4.60 -2.04 -15.98
N VAL B 48 3.49 -2.23 -16.68
CA VAL B 48 3.54 -2.28 -18.14
C VAL B 48 3.93 -0.94 -18.75
N GLN B 49 3.29 0.12 -18.27
CA GLN B 49 3.56 1.46 -18.80
C GLN B 49 5.04 1.83 -18.71
N VAL B 50 5.71 1.46 -17.62
CA VAL B 50 7.13 1.77 -17.47
C VAL B 50 8.01 0.79 -18.26
N ALA B 51 7.69 -0.50 -18.19
CA ALA B 51 8.46 -1.50 -18.91
C ALA B 51 8.50 -1.19 -20.40
N ARG B 52 7.34 -0.85 -20.95
CA ARG B 52 7.23 -0.54 -22.36
C ARG B 52 8.06 0.69 -22.71
N THR B 53 7.94 1.73 -21.90
CA THR B 53 8.69 2.96 -22.12
C THR B 53 10.20 2.76 -22.05
N ALA B 54 10.65 1.92 -21.12
CA ALA B 54 12.07 1.68 -20.97
C ALA B 54 12.63 0.91 -22.17
N LEU B 55 11.88 -0.08 -22.64
CA LEU B 55 12.31 -0.86 -23.80
C LEU B 55 12.46 0.03 -25.02
N GLU B 56 11.56 1.00 -25.17
CA GLU B 56 11.61 1.93 -26.29
C GLU B 56 12.84 2.82 -26.16
N ALA B 57 13.25 3.09 -24.92
CA ALA B 57 14.38 3.96 -24.67
C ALA B 57 15.77 3.31 -24.77
N GLY B 58 15.84 1.99 -24.84
CA GLY B 58 17.16 1.38 -24.94
C GLY B 58 17.38 0.15 -24.08
N ALA B 59 16.45 -0.13 -23.18
CA ALA B 59 16.57 -1.30 -22.33
C ALA B 59 16.24 -2.51 -23.19
N SER B 60 16.87 -3.64 -22.91
CA SER B 60 16.61 -4.83 -23.69
C SER B 60 15.99 -5.90 -22.80
N ARG B 61 16.15 -5.73 -21.49
CA ARG B 61 15.60 -6.70 -20.54
C ARG B 61 14.86 -6.05 -19.38
N LEU B 62 14.12 -6.87 -18.65
CA LEU B 62 13.35 -6.43 -17.50
C LEU B 62 13.65 -7.33 -16.31
N ALA B 63 13.48 -6.77 -15.11
CA ALA B 63 13.71 -7.50 -13.87
C ALA B 63 12.54 -7.24 -12.95
N VAL B 64 12.12 -8.30 -12.27
CA VAL B 64 10.99 -8.29 -11.38
C VAL B 64 11.42 -8.93 -10.05
N ALA B 65 10.63 -8.81 -8.98
CA ALA B 65 11.01 -9.36 -7.67
C ALA B 65 10.67 -10.83 -7.45
N PHE B 66 9.45 -11.22 -7.83
CA PHE B 66 9.05 -12.60 -7.69
C PHE B 66 8.21 -13.04 -8.88
N LEU B 67 7.97 -14.34 -8.99
CA LEU B 67 7.26 -14.88 -10.14
C LEU B 67 5.94 -14.24 -10.58
N ASP B 68 5.08 -13.88 -9.63
CA ASP B 68 3.78 -13.28 -9.97
C ASP B 68 3.94 -11.96 -10.73
N GLU B 69 4.99 -11.21 -10.42
CA GLU B 69 5.18 -9.93 -11.08
C GLU B 69 5.56 -10.12 -12.55
N ALA B 70 6.29 -11.20 -12.84
CA ALA B 70 6.72 -11.48 -14.21
C ALA B 70 5.56 -12.02 -15.05
N LEU B 71 4.78 -12.93 -14.48
CA LEU B 71 3.64 -13.49 -15.18
C LEU B 71 2.65 -12.38 -15.50
N ALA B 72 2.58 -11.37 -14.63
CA ALA B 72 1.68 -10.25 -14.81
C ALA B 72 2.10 -9.41 -16.02
N LEU B 73 3.42 -9.25 -16.20
CA LEU B 73 3.92 -8.47 -17.33
C LEU B 73 3.63 -9.22 -18.63
N ARG B 74 3.79 -10.55 -18.57
CA ARG B 74 3.55 -11.39 -19.74
C ARG B 74 2.11 -11.36 -20.18
N GLU B 75 1.21 -11.34 -19.20
CA GLU B 75 -0.22 -11.35 -19.49
C GLU B 75 -0.68 -10.04 -20.09
N LYS B 76 0.11 -8.98 -19.89
CA LYS B 76 -0.22 -7.67 -20.41
C LYS B 76 0.47 -7.39 -21.74
N GLY B 77 1.01 -8.44 -22.35
CA GLY B 77 1.65 -8.28 -23.65
C GLY B 77 3.14 -8.04 -23.72
N ILE B 78 3.85 -8.00 -22.60
CA ILE B 78 5.28 -7.77 -22.69
C ILE B 78 5.91 -9.09 -23.11
N GLU B 79 6.73 -9.04 -24.16
CA GLU B 79 7.37 -10.26 -24.68
C GLU B 79 8.90 -10.18 -24.56
N ALA B 80 9.41 -9.15 -23.89
CA ALA B 80 10.86 -8.97 -23.69
C ALA B 80 11.32 -9.90 -22.58
N PRO B 81 12.63 -10.19 -22.49
CA PRO B 81 13.14 -11.07 -21.43
C PRO B 81 12.92 -10.52 -20.00
N ILE B 82 12.63 -11.42 -19.07
CA ILE B 82 12.36 -11.07 -17.67
C ILE B 82 13.10 -11.97 -16.69
N LEU B 83 13.88 -11.36 -15.78
CA LEU B 83 14.61 -12.11 -14.76
C LEU B 83 13.93 -11.91 -13.40
N VAL B 84 13.69 -13.01 -12.69
CA VAL B 84 13.12 -12.92 -11.35
C VAL B 84 14.34 -12.79 -10.41
N LEU B 85 14.47 -11.64 -9.76
CA LEU B 85 15.62 -11.39 -8.87
C LEU B 85 15.56 -12.13 -7.54
N GLY B 86 14.35 -12.43 -7.09
CA GLY B 86 14.21 -13.11 -5.82
C GLY B 86 14.10 -14.61 -5.93
N ALA B 87 13.54 -15.23 -4.90
CA ALA B 87 13.37 -16.67 -4.88
C ALA B 87 12.07 -17.15 -5.50
N SER B 88 12.03 -18.43 -5.82
CA SER B 88 10.84 -19.06 -6.40
C SER B 88 10.85 -20.52 -5.97
N ARG B 89 9.72 -21.20 -6.17
CA ARG B 89 9.60 -22.60 -5.78
C ARG B 89 10.12 -23.51 -6.89
N PRO B 90 10.84 -24.59 -6.53
CA PRO B 90 11.34 -25.51 -7.55
C PRO B 90 10.19 -26.03 -8.41
N ALA B 91 9.02 -26.16 -7.79
CA ALA B 91 7.84 -26.65 -8.47
C ALA B 91 7.27 -25.70 -9.51
N ASP B 92 7.71 -24.43 -9.49
CA ASP B 92 7.23 -23.45 -10.46
C ASP B 92 8.22 -23.23 -11.61
N ALA B 93 9.31 -23.99 -11.63
CA ALA B 93 10.29 -23.84 -12.69
C ALA B 93 9.69 -24.14 -14.06
N ALA B 94 8.72 -25.05 -14.10
CA ALA B 94 8.07 -25.41 -15.36
C ALA B 94 7.24 -24.26 -15.90
N LEU B 95 6.63 -23.50 -15.00
CA LEU B 95 5.81 -22.36 -15.40
C LEU B 95 6.73 -21.25 -15.90
N ALA B 96 7.84 -21.03 -15.19
CA ALA B 96 8.76 -19.99 -15.57
C ALA B 96 9.30 -20.23 -16.97
N ALA B 97 9.60 -21.50 -17.27
CA ALA B 97 10.16 -21.94 -18.55
C ALA B 97 9.23 -21.70 -19.72
N GLN B 98 8.00 -22.17 -19.53
CA GLN B 98 6.90 -22.09 -20.46
C GLN B 98 6.57 -20.62 -20.83
N GLN B 99 6.77 -19.72 -19.86
CA GLN B 99 6.52 -18.29 -20.05
C GLN B 99 7.81 -17.50 -20.34
N ARG B 100 8.90 -18.23 -20.55
CA ARG B 100 10.19 -17.64 -20.87
C ARG B 100 10.71 -16.66 -19.83
N ILE B 101 10.59 -17.05 -18.57
CA ILE B 101 11.04 -16.23 -17.46
C ILE B 101 12.33 -16.82 -16.87
N ALA B 102 13.38 -16.00 -16.78
CA ALA B 102 14.64 -16.48 -16.20
C ALA B 102 14.58 -16.41 -14.66
N LEU B 103 15.21 -17.38 -13.99
CA LEU B 103 15.18 -17.47 -12.53
C LEU B 103 16.53 -17.27 -11.85
N THR B 104 16.51 -16.72 -10.64
CA THR B 104 17.73 -16.53 -9.87
C THR B 104 17.91 -17.82 -9.09
N VAL B 105 19.15 -18.30 -9.02
CA VAL B 105 19.48 -19.52 -8.30
C VAL B 105 20.65 -19.19 -7.37
N PHE B 106 20.65 -19.77 -6.17
CA PHE B 106 21.71 -19.53 -5.18
C PHE B 106 21.99 -20.72 -4.24
N ARG B 107 21.20 -21.78 -4.34
CA ARG B 107 21.39 -22.98 -3.50
C ARG B 107 21.38 -24.25 -4.33
N SER B 108 22.28 -25.19 -4.02
CA SER B 108 22.33 -26.43 -4.76
C SER B 108 21.13 -27.34 -4.49
N ASP B 109 20.58 -27.32 -3.28
CA ASP B 109 19.43 -28.19 -3.04
C ASP B 109 18.20 -27.76 -3.85
N TRP B 110 18.15 -26.50 -4.27
CA TRP B 110 17.04 -26.00 -5.08
C TRP B 110 17.04 -26.76 -6.42
N LEU B 111 18.20 -26.76 -7.08
CA LEU B 111 18.40 -27.42 -8.36
C LEU B 111 18.13 -28.91 -8.29
N GLU B 112 18.68 -29.55 -7.27
CA GLU B 112 18.48 -30.97 -7.08
C GLU B 112 16.99 -31.26 -7.09
N GLU B 113 16.23 -30.37 -6.47
CA GLU B 113 14.80 -30.54 -6.40
C GLU B 113 14.09 -30.21 -7.71
N ALA B 114 14.52 -29.15 -8.37
CA ALA B 114 13.91 -28.74 -9.63
C ALA B 114 14.17 -29.81 -10.70
N SER B 115 15.36 -30.41 -10.65
CA SER B 115 15.74 -31.45 -11.61
C SER B 115 14.83 -32.68 -11.57
N ALA B 116 14.43 -33.09 -10.37
CA ALA B 116 13.56 -34.24 -10.19
C ALA B 116 12.15 -33.98 -10.71
N LEU B 117 11.74 -32.72 -10.61
CA LEU B 117 10.41 -32.26 -11.00
C LEU B 117 10.23 -31.86 -12.45
N TYR B 118 11.29 -31.35 -13.06
CA TYR B 118 11.22 -30.88 -14.44
C TYR B 118 12.07 -31.72 -15.35
N SER B 119 11.50 -32.16 -16.46
CA SER B 119 12.25 -32.97 -17.42
C SER B 119 12.39 -32.29 -18.77
N GLY B 120 11.53 -31.32 -19.04
CA GLY B 120 11.58 -30.60 -20.31
C GLY B 120 10.20 -30.09 -20.66
N PRO B 121 9.95 -29.61 -21.91
CA PRO B 121 10.86 -29.48 -23.06
C PRO B 121 11.48 -28.09 -23.26
N PHE B 122 11.00 -27.08 -22.53
CA PHE B 122 11.53 -25.73 -22.64
C PHE B 122 12.82 -25.58 -21.86
N PRO B 123 13.71 -24.71 -22.32
CA PRO B 123 14.93 -24.59 -21.52
C PRO B 123 14.64 -23.55 -20.40
N ILE B 124 15.37 -23.62 -19.30
CA ILE B 124 15.18 -22.63 -18.23
C ILE B 124 16.52 -21.92 -18.05
N HIS B 125 16.51 -20.61 -18.22
CA HIS B 125 17.72 -19.83 -18.07
C HIS B 125 17.88 -19.35 -16.63
N PHE B 126 19.01 -19.71 -16.03
CA PHE B 126 19.33 -19.36 -14.66
C PHE B 126 20.40 -18.32 -14.50
N HIS B 127 20.25 -17.49 -13.47
CA HIS B 127 21.23 -16.48 -13.17
C HIS B 127 21.69 -16.81 -11.78
N LEU B 128 22.98 -17.10 -11.66
CA LEU B 128 23.59 -17.48 -10.39
C LEU B 128 23.89 -16.22 -9.57
N MET B 130 26.08 -13.78 -6.56
CA MET B 130 26.93 -14.41 -5.57
C MET B 130 26.76 -13.40 -4.46
N ASP B 131 26.84 -13.86 -3.23
CA ASP B 131 26.73 -12.97 -2.11
C ASP B 131 28.18 -12.51 -1.85
N THR B 132 28.43 -11.23 -2.09
CA THR B 132 29.72 -10.60 -1.91
C THR B 132 29.82 -9.67 -0.77
N GLY B 133 28.85 -9.80 0.17
CA GLY B 133 28.86 -8.98 1.41
C GLY B 133 27.58 -8.24 1.70
N MET B 134 26.51 -8.68 1.05
CA MET B 134 25.22 -8.03 1.19
C MET B 134 24.43 -8.81 2.22
N GLY B 135 24.71 -10.12 2.30
CA GLY B 135 24.06 -10.98 3.26
C GLY B 135 22.59 -11.30 3.01
N ARG B 136 22.08 -10.97 1.84
CA ARG B 136 20.68 -11.23 1.48
C ARG B 136 20.56 -12.61 0.83
N LEU B 137 20.71 -12.68 -0.50
CA LEU B 137 20.63 -13.96 -1.20
C LEU B 137 21.99 -14.21 -1.82
N GLY B 138 22.23 -15.44 -2.28
CA GLY B 138 23.51 -15.69 -2.91
C GLY B 138 24.33 -16.83 -2.35
N VAL B 139 25.21 -17.32 -3.20
CA VAL B 139 26.10 -18.40 -2.85
C VAL B 139 27.35 -17.72 -2.28
N LYS B 140 28.00 -18.34 -1.29
CA LYS B 140 29.19 -17.78 -0.66
C LYS B 140 30.47 -18.63 -0.73
N ASP B 141 30.34 -19.95 -0.82
CA ASP B 141 31.52 -20.80 -0.88
C ASP B 141 31.83 -21.36 -2.28
N GLU B 142 33.07 -21.82 -2.45
CA GLU B 142 33.52 -22.37 -3.73
C GLU B 142 32.85 -23.66 -4.12
N GLU B 143 32.74 -24.61 -3.22
CA GLU B 143 32.12 -25.86 -3.62
C GLU B 143 30.61 -25.86 -3.75
N GLU B 144 29.95 -24.78 -3.35
CA GLU B 144 28.49 -24.69 -3.54
C GLU B 144 28.34 -24.20 -4.97
N THR B 145 29.22 -23.29 -5.37
CA THR B 145 29.19 -22.75 -6.72
C THR B 145 29.39 -23.89 -7.72
N LYS B 146 30.46 -24.68 -7.54
CA LYS B 146 30.75 -25.79 -8.45
C LYS B 146 29.62 -26.81 -8.55
N ARG B 147 28.95 -27.05 -7.43
CA ARG B 147 27.85 -28.01 -7.37
C ARG B 147 26.66 -27.52 -8.18
N ILE B 148 26.45 -26.20 -8.16
CA ILE B 148 25.35 -25.56 -8.89
C ILE B 148 25.67 -25.65 -10.38
N VAL B 149 26.87 -25.21 -10.74
CA VAL B 149 27.32 -25.25 -12.13
C VAL B 149 27.20 -26.67 -12.67
N ALA B 150 27.67 -27.64 -11.89
CA ALA B 150 27.62 -29.06 -12.27
C ALA B 150 26.19 -29.56 -12.45
N LEU B 151 25.28 -29.16 -11.57
CA LEU B 151 23.88 -29.57 -11.64
C LEU B 151 23.18 -28.98 -12.88
N ILE B 152 23.65 -27.81 -13.29
CA ILE B 152 23.08 -27.14 -14.44
C ILE B 152 23.65 -27.75 -15.74
N GLU B 153 24.96 -27.90 -15.78
CA GLU B 153 25.67 -28.47 -16.92
C GLU B 153 25.08 -29.86 -17.24
N ARG B 154 24.85 -30.64 -16.18
CA ARG B 154 24.31 -32.01 -16.20
C ARG B 154 22.87 -32.21 -16.71
N HIS B 155 22.06 -31.16 -16.62
CA HIS B 155 20.66 -31.22 -17.06
C HIS B 155 20.50 -30.67 -18.49
N PRO B 156 19.85 -31.43 -19.38
CA PRO B 156 19.65 -31.00 -20.76
C PRO B 156 18.87 -29.69 -20.96
N HIS B 157 17.94 -29.37 -20.06
CA HIS B 157 17.15 -28.14 -20.22
C HIS B 157 17.51 -26.96 -19.32
N PHE B 158 18.53 -27.14 -18.49
CA PHE B 158 19.02 -26.10 -17.58
C PHE B 158 20.16 -25.36 -18.26
N VAL B 159 20.10 -24.04 -18.31
CA VAL B 159 21.15 -23.23 -18.93
C VAL B 159 21.61 -22.12 -17.98
N LEU B 160 22.92 -21.95 -17.81
CA LEU B 160 23.41 -20.88 -16.95
C LEU B 160 23.66 -19.70 -17.87
N GLU B 161 22.70 -18.78 -17.90
CA GLU B 161 22.77 -17.60 -18.75
C GLU B 161 23.58 -16.47 -18.15
N GLY B 162 23.54 -16.34 -16.83
CA GLY B 162 24.31 -15.27 -16.25
C GLY B 162 24.61 -15.49 -14.80
N LEU B 163 25.27 -14.52 -14.20
CA LEU B 163 25.58 -14.60 -12.80
C LEU B 163 25.77 -13.17 -12.34
N TYR B 164 25.41 -12.90 -11.09
CA TYR B 164 25.52 -11.54 -10.59
C TYR B 164 25.64 -11.41 -9.08
N THR B 165 25.89 -10.18 -8.65
CA THR B 165 25.98 -9.86 -7.26
C THR B 165 25.30 -8.50 -7.10
N HIS B 166 25.09 -8.07 -5.86
CA HIS B 166 24.44 -6.79 -5.63
C HIS B 166 25.19 -6.03 -4.55
N PHE B 167 25.43 -4.75 -4.77
CA PHE B 167 26.20 -3.96 -3.82
C PHE B 167 25.38 -3.31 -2.71
N ALA B 168 25.84 -3.49 -1.47
CA ALA B 168 25.15 -2.93 -0.31
C ALA B 168 25.39 -1.44 -0.09
N THR B 169 26.53 -0.93 -0.54
CA THR B 169 26.87 0.47 -0.29
C THR B 169 27.30 1.30 -1.49
N ALA B 170 26.78 0.95 -2.66
CA ALA B 170 27.12 1.66 -3.90
C ALA B 170 26.67 3.13 -3.88
N ASP B 171 25.72 3.47 -3.04
CA ASP B 171 25.26 4.85 -2.98
C ASP B 171 26.08 5.70 -2.00
N GLU B 172 26.96 5.04 -1.24
CA GLU B 172 27.80 5.72 -0.27
C GLU B 172 29.09 6.33 -0.85
N VAL B 173 29.32 7.61 -0.53
CA VAL B 173 30.50 8.37 -0.96
C VAL B 173 31.76 7.56 -0.70
N ASN B 174 31.79 6.97 0.48
CA ASN B 174 32.90 6.12 0.95
C ASN B 174 32.78 4.80 0.19
N THR B 175 33.70 4.59 -0.76
CA THR B 175 33.73 3.40 -1.61
C THR B 175 34.53 2.22 -1.07
N ASP B 176 34.78 2.21 0.23
CA ASP B 176 35.58 1.13 0.79
C ASP B 176 34.93 -0.24 0.92
N TYR B 177 33.63 -0.29 1.20
CA TYR B 177 32.99 -1.60 1.28
C TYR B 177 32.69 -2.01 -0.16
N PHE B 178 32.49 -1.01 -1.01
CA PHE B 178 32.22 -1.23 -2.44
C PHE B 178 33.41 -1.93 -3.08
N SER B 179 34.62 -1.42 -2.84
CA SER B 179 35.82 -2.03 -3.40
C SER B 179 36.06 -3.42 -2.85
N TYR B 180 35.56 -3.70 -1.64
CA TYR B 180 35.75 -5.04 -1.07
C TYR B 180 34.84 -6.01 -1.79
N GLN B 181 33.63 -5.57 -2.10
CA GLN B 181 32.64 -6.38 -2.81
C GLN B 181 33.03 -6.59 -4.27
N TYR B 182 33.51 -5.53 -4.91
CA TYR B 182 33.95 -5.63 -6.30
C TYR B 182 35.09 -6.66 -6.43
N THR B 183 36.01 -6.62 -5.48
CA THR B 183 37.17 -7.52 -5.45
C THR B 183 36.76 -8.96 -5.16
N ARG B 184 35.81 -9.14 -4.24
CA ARG B 184 35.30 -10.46 -3.86
C ARG B 184 34.64 -11.09 -5.09
N PHE B 185 33.91 -10.27 -5.85
CA PHE B 185 33.21 -10.74 -7.03
C PHE B 185 34.19 -11.24 -8.10
N LEU B 186 35.15 -10.39 -8.48
CA LEU B 186 36.16 -10.75 -9.48
C LEU B 186 36.83 -12.08 -9.18
N HIS B 187 36.90 -12.36 -7.88
CA HIS B 187 37.53 -13.56 -7.36
C HIS B 187 36.63 -14.79 -7.47
N MET B 188 35.36 -14.60 -7.11
CA MET B 188 34.37 -15.67 -7.16
C MET B 188 34.05 -16.07 -8.61
N LEU B 189 34.24 -15.13 -9.54
CA LEU B 189 34.01 -15.39 -10.97
C LEU B 189 34.92 -16.50 -11.49
N GLU B 190 36.03 -16.75 -10.78
CA GLU B 190 37.01 -17.76 -11.18
C GLU B 190 36.62 -19.18 -10.74
N TRP B 191 35.53 -19.31 -9.99
CA TRP B 191 35.09 -20.64 -9.57
C TRP B 191 34.24 -21.26 -10.68
N LEU B 192 33.97 -20.44 -11.69
CA LEU B 192 33.19 -20.88 -12.84
C LEU B 192 34.19 -21.27 -13.92
N PRO B 193 33.94 -22.40 -14.60
CA PRO B 193 34.82 -22.87 -15.68
C PRO B 193 34.84 -21.86 -16.82
N SER B 194 33.64 -21.48 -17.26
CA SER B 194 33.50 -20.52 -18.34
C SER B 194 32.61 -19.38 -17.87
N ARG B 195 33.00 -18.17 -18.24
CA ARG B 195 32.25 -16.97 -17.92
C ARG B 195 30.98 -16.97 -18.76
N PRO B 196 29.80 -16.97 -18.12
CA PRO B 196 28.52 -16.96 -18.85
C PRO B 196 28.32 -15.70 -19.67
N PRO B 197 27.34 -15.70 -20.60
CA PRO B 197 27.03 -14.56 -21.47
C PRO B 197 26.61 -13.24 -20.81
N LEU B 198 26.02 -13.31 -19.62
CA LEU B 198 25.59 -12.10 -18.94
C LEU B 198 26.18 -12.00 -17.53
N VAL B 199 27.10 -11.08 -17.33
CA VAL B 199 27.68 -10.88 -16.01
C VAL B 199 27.25 -9.49 -15.57
N HIS B 200 26.53 -9.38 -14.46
CA HIS B 200 26.08 -8.08 -13.98
C HIS B 200 26.28 -7.91 -12.47
N CYS B 201 26.47 -6.68 -12.03
CA CYS B 201 26.68 -6.42 -10.60
C CYS B 201 26.06 -5.09 -10.16
N ALA B 202 26.00 -4.13 -11.06
CA ALA B 202 25.52 -2.79 -10.77
C ALA B 202 24.02 -2.42 -10.67
N ASN B 203 23.68 -1.67 -9.62
CA ASN B 203 22.32 -1.17 -9.46
C ASN B 203 22.44 0.24 -10.04
N SER B 204 21.44 1.09 -9.83
CA SER B 204 21.49 2.44 -10.41
C SER B 204 22.72 3.22 -10.03
N ALA B 205 23.11 3.10 -8.77
CA ALA B 205 24.24 3.81 -8.21
C ALA B 205 25.59 3.47 -8.84
N ALA B 206 25.94 2.19 -8.84
CA ALA B 206 27.22 1.76 -9.38
C ALA B 206 27.31 1.91 -10.90
N SER B 207 26.16 1.93 -11.56
CA SER B 207 26.15 2.04 -13.01
C SER B 207 26.28 3.49 -13.45
N LEU B 208 25.86 4.41 -12.60
CA LEU B 208 25.95 5.82 -12.91
C LEU B 208 27.27 6.41 -12.35
N ARG B 209 27.88 5.68 -11.43
CA ARG B 209 29.13 6.14 -10.83
C ARG B 209 30.34 5.51 -11.52
N PHE B 210 30.26 4.22 -11.82
CA PHE B 210 31.36 3.47 -12.45
C PHE B 210 30.85 2.65 -13.64
N PRO B 211 30.35 3.31 -14.70
CA PRO B 211 29.82 2.62 -15.89
C PRO B 211 30.70 1.59 -16.62
N ASP B 212 32.00 1.64 -16.43
CA ASP B 212 32.90 0.70 -17.10
C ASP B 212 33.09 -0.57 -16.30
N ARG B 213 32.87 -0.47 -15.00
CA ARG B 213 32.99 -1.65 -14.14
C ARG B 213 31.62 -2.24 -13.86
N THR B 214 30.86 -2.40 -14.94
CA THR B 214 29.51 -2.94 -14.89
C THR B 214 29.40 -4.18 -15.82
N PHE B 215 30.56 -4.73 -16.19
CA PHE B 215 30.63 -5.92 -17.04
C PHE B 215 29.67 -5.73 -18.23
N ASN B 216 28.82 -6.70 -18.61
CA ASN B 216 27.98 -6.39 -19.77
C ASN B 216 26.48 -6.18 -19.60
N MET B 217 26.05 -5.93 -18.38
CA MET B 217 24.64 -5.65 -18.11
C MET B 217 24.48 -4.89 -16.80
N VAL B 218 23.70 -3.83 -16.89
CA VAL B 218 23.41 -2.93 -15.79
C VAL B 218 21.94 -3.11 -15.37
N ARG B 219 21.68 -3.23 -14.07
CA ARG B 219 20.31 -3.34 -13.59
C ARG B 219 19.97 -1.90 -13.17
N PHE B 220 19.03 -1.30 -13.88
CA PHE B 220 18.67 0.09 -13.64
C PHE B 220 17.32 0.27 -12.95
N GLY B 221 17.35 0.77 -11.71
CA GLY B 221 16.12 0.97 -10.97
C GLY B 221 15.69 2.38 -10.59
N ILE B 222 15.92 2.71 -9.32
CA ILE B 222 15.54 3.99 -8.77
C ILE B 222 15.82 5.19 -9.67
N ALA B 223 17.00 5.25 -10.29
CA ALA B 223 17.36 6.40 -11.13
C ALA B 223 16.48 6.52 -12.38
N MET B 224 15.90 5.39 -12.79
CA MET B 224 15.04 5.39 -13.98
C MET B 224 13.83 6.25 -13.70
N TYR B 225 13.35 6.15 -12.46
CA TYR B 225 12.19 6.90 -12.00
C TYR B 225 12.55 8.36 -11.68
N GLY B 226 13.81 8.72 -11.87
CA GLY B 226 14.24 10.09 -11.64
C GLY B 226 14.59 10.42 -10.19
N LEU B 227 14.81 9.39 -9.39
CA LEU B 227 15.15 9.56 -7.98
C LEU B 227 16.60 9.15 -7.73
N ALA B 228 17.31 9.93 -6.92
CA ALA B 228 18.71 9.64 -6.59
C ALA B 228 18.76 8.52 -5.58
N PRO B 229 19.76 7.62 -5.72
CA PRO B 229 19.95 6.47 -4.83
C PRO B 229 20.15 6.91 -3.38
N SER B 230 20.69 8.12 -3.22
CA SER B 230 20.94 8.69 -1.91
C SER B 230 21.23 10.17 -2.09
N PRO B 231 21.07 10.98 -1.03
CA PRO B 231 21.35 12.40 -1.15
C PRO B 231 22.84 12.65 -1.37
N GLY B 232 23.67 11.75 -0.88
CA GLY B 232 25.11 11.91 -1.04
C GLY B 232 25.62 11.68 -2.45
N ILE B 233 24.95 10.83 -3.21
CA ILE B 233 25.37 10.51 -4.57
C ILE B 233 24.92 11.58 -5.60
N LYS B 234 23.95 12.41 -5.22
CA LYS B 234 23.39 13.43 -6.13
C LYS B 234 24.33 14.28 -6.98
N PRO B 235 25.35 14.91 -6.37
CA PRO B 235 26.21 15.72 -7.25
C PRO B 235 27.38 14.97 -7.89
N LEU B 236 27.25 13.64 -7.98
CA LEU B 236 28.28 12.80 -8.58
C LEU B 236 27.71 12.10 -9.82
N LEU B 237 26.41 12.27 -10.07
CA LEU B 237 25.75 11.63 -11.22
C LEU B 237 26.06 12.36 -12.54
N PRO B 238 26.26 11.61 -13.64
CA PRO B 238 26.58 12.20 -14.95
C PRO B 238 25.55 13.10 -15.65
N TYR B 239 24.25 12.86 -15.42
CA TYR B 239 23.23 13.69 -16.05
C TYR B 239 22.08 13.98 -15.11
N PRO B 240 21.28 15.02 -15.41
CA PRO B 240 20.14 15.34 -14.55
C PRO B 240 18.98 14.34 -14.73
N LEU B 241 18.42 13.90 -13.61
CA LEU B 241 17.33 12.94 -13.62
C LEU B 241 16.01 13.72 -13.62
N LYS B 242 15.03 13.29 -14.41
CA LYS B 242 13.73 13.95 -14.45
C LYS B 242 12.82 13.18 -13.48
N GLU B 243 12.15 13.87 -12.56
CA GLU B 243 11.25 13.18 -11.62
C GLU B 243 9.92 12.86 -12.34
N ALA B 244 9.50 11.61 -12.28
CA ALA B 244 8.31 11.13 -12.98
C ALA B 244 6.96 11.11 -12.26
N PHE B 245 6.98 10.97 -10.95
CA PHE B 245 5.77 10.84 -10.14
C PHE B 245 5.27 12.10 -9.43
N SER B 246 3.99 12.38 -9.55
CA SER B 246 3.40 13.51 -8.82
C SER B 246 2.04 13.03 -8.28
N LEU B 247 1.54 13.67 -7.22
CA LEU B 247 0.28 13.26 -6.60
C LEU B 247 -0.62 14.47 -6.38
N HIS B 248 -1.89 14.35 -6.77
CA HIS B 248 -2.80 15.47 -6.63
C HIS B 248 -4.17 15.12 -6.06
N SER B 249 -4.86 16.15 -5.60
CA SER B 249 -6.19 15.98 -5.08
C SER B 249 -6.92 17.30 -5.27
N ARG B 250 -8.17 17.37 -4.81
CA ARG B 250 -8.94 18.59 -4.92
C ARG B 250 -9.73 18.82 -3.66
N LEU B 251 -9.97 20.08 -3.34
CA LEU B 251 -10.75 20.45 -2.16
C LEU B 251 -12.18 19.99 -2.37
N VAL B 252 -12.73 19.26 -1.41
CA VAL B 252 -14.10 18.79 -1.54
C VAL B 252 -15.03 19.48 -0.54
N HIS B 253 -14.45 20.27 0.37
CA HIS B 253 -15.19 21.05 1.35
C HIS B 253 -14.27 22.16 1.83
N VAL B 254 -14.88 23.31 2.07
CA VAL B 254 -14.16 24.50 2.55
C VAL B 254 -15.15 25.10 3.57
N LYS B 255 -14.64 25.54 4.71
CA LYS B 255 -15.46 26.13 5.75
C LYS B 255 -14.65 27.06 6.62
N LYS B 256 -15.31 28.00 7.32
CA LYS B 256 -14.56 28.87 8.18
C LYS B 256 -14.73 28.43 9.62
N LEU B 257 -13.62 28.20 10.32
CA LEU B 257 -13.67 27.79 11.73
C LEU B 257 -13.48 28.99 12.66
N GLN B 258 -14.17 28.95 13.79
CA GLN B 258 -14.04 30.00 14.79
C GLN B 258 -13.07 29.47 15.86
N PRO B 259 -12.40 30.36 16.60
CA PRO B 259 -11.46 29.90 17.62
C PRO B 259 -12.09 28.94 18.61
N GLY B 260 -11.28 28.04 19.16
CA GLY B 260 -11.79 27.08 20.12
C GLY B 260 -12.37 25.86 19.43
N GLU B 261 -12.55 25.94 18.12
CA GLU B 261 -13.11 24.81 17.40
C GLU B 261 -12.05 23.77 17.06
N LYS B 262 -12.39 22.51 17.30
CA LYS B 262 -11.45 21.41 17.07
C LYS B 262 -11.58 20.69 15.73
N VAL B 263 -10.48 20.09 15.31
CA VAL B 263 -10.43 19.38 14.04
C VAL B 263 -9.85 17.97 14.11
N SER B 264 -10.57 17.03 13.49
CA SER B 264 -10.19 15.62 13.39
C SER B 264 -10.12 14.76 14.65
N TYR B 265 -9.62 13.54 14.48
CA TYR B 265 -9.52 12.59 15.57
C TYR B 265 -8.72 13.07 16.78
N GLY B 266 -9.28 12.82 17.95
CA GLY B 266 -8.62 13.22 19.18
C GLY B 266 -8.70 14.71 19.42
N ALA B 267 -9.33 15.42 18.49
CA ALA B 267 -9.47 16.87 18.62
C ALA B 267 -8.12 17.51 19.00
N THR B 268 -7.03 17.03 18.39
CA THR B 268 -5.72 17.57 18.70
C THR B 268 -5.34 18.88 18.05
N TYR B 269 -6.21 19.42 17.20
CA TYR B 269 -5.91 20.72 16.59
C TYR B 269 -7.00 21.67 17.01
N THR B 270 -6.59 22.83 17.48
CA THR B 270 -7.52 23.85 17.95
C THR B 270 -7.33 25.10 17.11
N ALA B 271 -8.41 25.61 16.55
CA ALA B 271 -8.33 26.81 15.74
C ALA B 271 -8.07 28.00 16.66
N GLN B 272 -7.05 28.80 16.35
CA GLN B 272 -6.74 29.95 17.21
C GLN B 272 -7.25 31.28 16.67
N THR B 273 -7.35 31.41 15.36
CA THR B 273 -7.85 32.63 14.75
C THR B 273 -9.03 32.24 13.89
N GLU B 274 -9.42 33.11 12.97
CA GLU B 274 -10.49 32.78 12.07
C GLU B 274 -9.79 32.17 10.87
N GLU B 275 -9.91 30.85 10.79
CA GLU B 275 -9.26 30.06 9.76
C GLU B 275 -10.19 29.39 8.77
N TRP B 276 -9.72 29.28 7.54
CA TRP B 276 -10.46 28.59 6.50
C TRP B 276 -9.80 27.22 6.45
N ILE B 277 -10.61 26.19 6.57
CA ILE B 277 -10.12 24.82 6.57
C ILE B 277 -10.69 24.05 5.37
N GLY B 278 -9.82 23.33 4.65
CA GLY B 278 -10.28 22.55 3.52
C GLY B 278 -10.11 21.05 3.75
N THR B 279 -11.00 20.25 3.17
CA THR B 279 -10.93 18.80 3.30
C THR B 279 -10.60 18.21 1.94
N ILE B 280 -9.57 17.37 1.88
CA ILE B 280 -9.19 16.75 0.61
C ILE B 280 -9.42 15.25 0.75
N PRO B 281 -9.81 14.58 -0.33
CA PRO B 281 -10.06 13.15 -0.23
C PRO B 281 -8.90 12.19 -0.41
N ILE B 282 -7.92 12.28 0.49
CA ILE B 282 -6.78 11.36 0.50
C ILE B 282 -6.45 11.12 1.97
N GLY B 283 -6.12 9.88 2.32
CA GLY B 283 -5.79 9.55 3.68
C GLY B 283 -4.76 8.43 3.75
N TYR B 284 -4.59 7.82 4.92
CA TYR B 284 -3.59 6.77 5.05
C TYR B 284 -3.86 5.47 4.29
N ALA B 285 -5.09 5.19 3.93
CA ALA B 285 -5.35 3.96 3.17
C ALA B 285 -4.82 4.19 1.76
N ASP B 286 -4.54 5.45 1.43
CA ASP B 286 -4.02 5.82 0.12
C ASP B 286 -2.49 5.90 0.14
N GLY B 287 -1.91 5.60 1.31
CA GLY B 287 -0.47 5.64 1.45
C GLY B 287 0.05 6.98 1.98
N TRP B 288 -0.88 7.88 2.24
CA TRP B 288 -0.52 9.18 2.78
C TRP B 288 -0.62 8.96 4.29
N LEU B 289 0.42 8.35 4.83
CA LEU B 289 0.54 7.98 6.24
C LEU B 289 0.31 9.06 7.30
N ARG B 290 -0.19 8.61 8.44
CA ARG B 290 -0.49 9.49 9.56
C ARG B 290 0.65 10.38 10.02
N ARG B 291 1.88 9.89 9.86
CA ARG B 291 3.09 10.61 10.23
C ARG B 291 3.28 11.92 9.44
N LEU B 292 2.51 12.10 8.38
CA LEU B 292 2.63 13.32 7.58
C LEU B 292 1.78 14.46 8.13
N GLN B 293 1.29 14.28 9.35
CA GLN B 293 0.46 15.29 10.00
C GLN B 293 0.95 16.74 10.00
N HIS B 294 2.25 16.98 10.10
CA HIS B 294 2.70 18.37 10.14
C HIS B 294 3.32 18.88 8.86
N PHE B 295 3.09 18.12 7.81
CA PHE B 295 3.61 18.41 6.50
C PHE B 295 2.79 19.45 5.72
N HIS B 296 3.45 20.06 4.74
CA HIS B 296 2.83 21.07 3.89
C HIS B 296 2.52 20.57 2.48
N VAL B 297 1.30 20.87 2.03
CA VAL B 297 0.90 20.50 0.69
C VAL B 297 0.81 21.82 -0.04
N LEU B 298 0.56 21.79 -1.35
CA LEU B 298 0.48 23.04 -2.11
C LEU B 298 -0.95 23.31 -2.60
N VAL B 299 -1.42 24.53 -2.36
CA VAL B 299 -2.74 24.94 -2.82
C VAL B 299 -2.65 26.33 -3.40
N ASP B 300 -2.91 26.48 -4.69
CA ASP B 300 -2.89 27.81 -5.27
C ASP B 300 -1.51 28.48 -5.11
N GLY B 301 -0.46 27.74 -5.45
CA GLY B 301 0.89 28.26 -5.38
C GLY B 301 1.52 28.42 -4.00
N GLN B 302 0.78 28.08 -2.95
CA GLN B 302 1.26 28.22 -1.58
C GLN B 302 1.34 26.94 -0.74
N LYS B 303 2.24 26.95 0.23
CA LYS B 303 2.40 25.83 1.14
C LYS B 303 1.25 25.99 2.12
N ALA B 304 0.59 24.88 2.47
CA ALA B 304 -0.52 24.92 3.42
C ALA B 304 -0.36 23.70 4.31
N PRO B 305 -0.38 23.89 5.63
CA PRO B 305 -0.20 22.73 6.51
C PRO B 305 -1.39 21.80 6.69
N ILE B 306 -1.06 20.53 6.90
CA ILE B 306 -2.06 19.52 7.18
C ILE B 306 -2.26 19.73 8.66
N VAL B 307 -3.50 19.98 9.00
CA VAL B 307 -3.90 20.33 10.34
C VAL B 307 -4.76 19.22 10.95
N GLY B 308 -4.45 18.83 12.19
CA GLY B 308 -5.19 17.76 12.85
C GLY B 308 -4.74 16.39 12.34
N ARG B 309 -5.29 15.31 12.88
CA ARG B 309 -4.90 13.98 12.44
C ARG B 309 -5.38 13.59 11.05
N ILE B 310 -4.55 12.79 10.37
CA ILE B 310 -4.88 12.32 9.05
C ILE B 310 -5.78 11.09 9.18
N CYS B 311 -6.91 11.08 8.47
CA CYS B 311 -7.86 9.97 8.53
C CYS B 311 -7.57 8.94 7.46
N MET B 312 -8.37 7.88 7.45
CA MET B 312 -8.18 6.80 6.50
C MET B 312 -8.34 7.24 5.04
N ASP B 313 -9.34 8.09 4.79
CA ASP B 313 -9.61 8.53 3.42
C ASP B 313 -9.59 10.03 3.23
N GLN B 314 -9.40 10.77 4.31
CA GLN B 314 -9.41 12.24 4.21
C GLN B 314 -8.45 12.91 5.19
N CYS B 315 -8.15 14.18 4.93
CA CYS B 315 -7.35 14.96 5.84
C CYS B 315 -7.70 16.41 5.60
N MET B 316 -7.35 17.28 6.55
CA MET B 316 -7.67 18.70 6.46
C MET B 316 -6.42 19.57 6.34
N ILE B 317 -6.56 20.74 5.75
CA ILE B 317 -5.44 21.65 5.58
C ILE B 317 -5.85 23.07 5.92
N ARG B 318 -4.89 23.89 6.38
CA ARG B 318 -5.21 25.28 6.68
C ARG B 318 -4.95 26.10 5.42
N LEU B 319 -6.04 26.61 4.84
CA LEU B 319 -6.01 27.40 3.60
C LEU B 319 -5.55 28.83 3.75
N PRO B 320 -4.97 29.39 2.67
CA PRO B 320 -4.52 30.78 2.76
C PRO B 320 -5.72 31.70 2.93
N GLY B 321 -6.84 31.29 2.37
CA GLY B 321 -8.06 32.08 2.46
C GLY B 321 -9.23 31.24 1.97
N PRO B 322 -10.38 31.83 1.66
CA PRO B 322 -11.50 31.02 1.19
C PRO B 322 -11.38 30.68 -0.29
N LEU B 323 -10.91 29.46 -0.58
CA LEU B 323 -10.77 29.02 -1.97
C LEU B 323 -11.99 28.20 -2.37
N PRO B 324 -12.28 28.17 -3.67
CA PRO B 324 -13.44 27.39 -4.10
C PRO B 324 -13.22 25.89 -4.07
N VAL B 325 -14.31 25.18 -3.85
CA VAL B 325 -14.32 23.74 -3.82
C VAL B 325 -13.93 23.31 -5.24
N GLY B 326 -13.01 22.36 -5.34
CA GLY B 326 -12.53 21.90 -6.64
C GLY B 326 -11.12 22.38 -6.90
N THR B 327 -10.60 23.23 -6.01
CA THR B 327 -9.24 23.75 -6.16
C THR B 327 -8.25 22.59 -6.04
N LYS B 328 -7.31 22.54 -6.96
CA LYS B 328 -6.28 21.49 -7.00
C LYS B 328 -5.26 21.66 -5.89
N VAL B 329 -4.98 20.55 -5.21
CA VAL B 329 -4.01 20.52 -4.14
C VAL B 329 -2.94 19.54 -4.62
N THR B 330 -1.69 19.97 -4.60
CA THR B 330 -0.60 19.12 -5.05
C THR B 330 0.16 18.63 -3.83
N LEU B 331 0.18 17.33 -3.61
CA LEU B 331 0.89 16.73 -2.47
C LEU B 331 2.36 16.47 -2.78
N ILE B 332 2.63 16.06 -4.02
CA ILE B 332 3.97 15.81 -4.52
C ILE B 332 3.91 16.37 -5.92
N GLY B 333 4.80 17.29 -6.24
CA GLY B 333 4.77 17.85 -7.58
C GLY B 333 5.07 19.32 -7.57
N ARG B 334 4.69 20.00 -8.65
CA ARG B 334 4.97 21.41 -8.78
C ARG B 334 3.72 22.25 -8.90
N GLN B 335 3.67 23.36 -8.17
CA GLN B 335 2.56 24.26 -8.31
C GLN B 335 3.21 25.63 -8.53
N GLY B 336 3.37 25.92 -9.82
CA GLY B 336 3.99 27.15 -10.27
C GLY B 336 5.41 27.33 -9.77
N ASP B 337 5.50 28.09 -8.69
CA ASP B 337 6.73 28.47 -8.04
C ASP B 337 7.30 27.45 -7.06
N GLU B 338 6.42 26.71 -6.38
CA GLU B 338 6.83 25.74 -5.38
C GLU B 338 6.90 24.30 -5.86
N VAL B 339 7.72 23.51 -5.18
CA VAL B 339 7.84 22.12 -5.51
C VAL B 339 8.00 21.31 -4.24
N ILE B 340 7.36 20.16 -4.23
CA ILE B 340 7.50 19.22 -3.14
C ILE B 340 7.95 18.01 -3.92
N SER B 341 9.10 17.46 -3.54
CA SER B 341 9.60 16.29 -4.23
C SER B 341 9.37 15.12 -3.32
N ILE B 342 9.57 13.93 -3.86
CA ILE B 342 9.39 12.71 -3.09
C ILE B 342 10.46 12.68 -1.99
N ASP B 343 11.59 13.36 -2.23
CA ASP B 343 12.67 13.42 -1.25
C ASP B 343 12.18 14.23 -0.02
N ASP B 344 11.28 15.19 -0.26
CA ASP B 344 10.72 16.02 0.80
C ASP B 344 9.78 15.18 1.66
N VAL B 345 8.94 14.39 1.01
CA VAL B 345 8.01 13.55 1.74
C VAL B 345 8.80 12.53 2.57
N ALA B 346 9.82 11.95 1.96
CA ALA B 346 10.67 10.95 2.62
C ALA B 346 11.37 11.54 3.84
N ARG B 347 11.78 12.78 3.74
CA ARG B 347 12.46 13.47 4.85
C ARG B 347 11.54 13.47 6.07
N HIS B 348 10.29 13.89 5.85
CA HIS B 348 9.30 13.96 6.92
C HIS B 348 8.91 12.60 7.49
N LEU B 349 8.85 11.58 6.63
CA LEU B 349 8.47 10.25 7.07
C LEU B 349 9.67 9.52 7.65
N GLU B 350 10.82 10.18 7.61
CA GLU B 350 12.06 9.58 8.11
C GLU B 350 12.39 8.28 7.37
N THR B 351 12.34 8.32 6.03
CA THR B 351 12.69 7.16 5.21
C THR B 351 13.49 7.60 4.00
N ILE B 352 13.64 6.66 3.07
CA ILE B 352 14.35 6.92 1.82
C ILE B 352 13.31 7.02 0.69
N ASN B 353 13.58 7.83 -0.33
CA ASN B 353 12.63 8.00 -1.43
C ASN B 353 12.02 6.69 -2.00
N TYR B 354 12.80 5.60 -2.04
CA TYR B 354 12.29 4.32 -2.54
C TYR B 354 10.96 3.94 -1.93
N GLU B 355 10.79 4.21 -0.64
CA GLU B 355 9.59 3.78 0.04
C GLU B 355 8.33 4.56 -0.28
N VAL B 356 8.49 5.82 -0.65
CA VAL B 356 7.33 6.64 -0.91
C VAL B 356 6.37 6.29 -2.07
N PRO B 357 6.83 6.30 -3.35
CA PRO B 357 5.82 5.95 -4.35
C PRO B 357 5.27 4.51 -4.18
N CYS B 358 6.04 3.62 -3.54
CA CYS B 358 5.69 2.23 -3.30
C CYS B 358 4.49 2.09 -2.45
N THR B 359 4.39 3.13 -1.55
CA THR B 359 3.35 3.11 -0.44
C THR B 359 2.02 3.74 -0.89
N ILE B 360 2.13 4.53 -1.85
CA ILE B 360 0.89 5.10 -2.35
C ILE B 360 0.16 3.90 -2.96
N SER B 361 -1.02 3.62 -2.42
CA SER B 361 -1.79 2.49 -2.83
C SER B 361 -2.55 2.30 -4.12
N TYR B 362 -2.99 1.04 -4.27
CA TYR B 362 -3.76 0.57 -5.40
C TYR B 362 -5.01 1.43 -5.57
N ARG B 363 -5.42 2.07 -4.49
CA ARG B 363 -6.61 2.91 -4.47
C ARG B 363 -6.45 4.20 -5.26
N VAL B 364 -5.20 4.60 -5.48
CA VAL B 364 -4.93 5.84 -6.19
C VAL B 364 -4.68 5.61 -7.68
N PRO B 365 -5.53 6.18 -8.55
CA PRO B 365 -5.34 5.98 -9.99
C PRO B 365 -4.04 6.63 -10.48
N ARG B 366 -3.50 6.06 -11.56
CA ARG B 366 -2.30 6.59 -12.17
C ARG B 366 -2.70 7.09 -13.55
N ILE B 367 -2.36 8.34 -13.84
CA ILE B 367 -2.63 8.93 -15.14
C ILE B 367 -1.27 9.04 -15.80
N PHE B 368 -1.17 8.50 -17.02
CA PHE B 368 0.10 8.51 -17.73
C PHE B 368 0.24 9.55 -18.84
N PHE B 369 1.41 10.19 -18.88
CA PHE B 369 1.69 11.18 -19.91
C PHE B 369 2.86 10.68 -20.74
N ARG B 370 2.74 10.82 -22.05
CA ARG B 370 3.77 10.42 -23.00
C ARG B 370 3.65 11.39 -24.16
N HIS B 371 4.78 11.89 -24.62
CA HIS B 371 4.79 12.86 -25.71
C HIS B 371 3.94 14.07 -25.37
N LYS B 372 4.00 14.41 -24.09
CA LYS B 372 3.29 15.55 -23.51
C LYS B 372 1.77 15.52 -23.61
N ARG B 373 1.21 14.33 -23.77
CA ARG B 373 -0.24 14.20 -23.86
C ARG B 373 -0.70 13.09 -22.94
N ILE B 374 -1.95 13.14 -22.52
CA ILE B 374 -2.48 12.09 -21.68
C ILE B 374 -2.60 10.84 -22.55
N MET B 375 -1.95 9.79 -22.09
CA MET B 375 -1.93 8.53 -22.82
C MET B 375 -2.90 7.52 -22.24
N GLU B 376 -2.86 7.35 -20.92
CA GLU B 376 -3.68 6.33 -20.30
C GLU B 376 -4.00 6.57 -18.82
N VAL B 377 -5.10 5.98 -18.37
CA VAL B 377 -5.55 6.05 -16.98
C VAL B 377 -5.62 4.62 -16.47
N ARG B 378 -4.99 4.37 -15.33
CA ARG B 378 -5.00 3.04 -14.73
C ARG B 378 -5.61 3.11 -13.33
N ASN B 379 -6.83 2.61 -13.19
CA ASN B 379 -7.54 2.62 -11.93
C ASN B 379 -7.70 1.17 -11.47
N ALA B 380 -6.95 0.79 -10.44
CA ALA B 380 -6.96 -0.56 -9.89
C ALA B 380 -8.26 -1.14 -9.35
N ILE B 381 -9.18 -0.32 -8.85
CA ILE B 381 -10.42 -0.90 -8.34
C ILE B 381 -11.67 -0.57 -9.14
#